data_5FXX
#
_entry.id   5FXX
#
_cell.length_a   91.590
_cell.length_b   110.700
_cell.length_c   119.740
_cell.angle_alpha   90.00
_cell.angle_beta   90.00
_cell.angle_gamma   90.00
#
_symmetry.space_group_name_H-M   'P 21 21 21'
#
loop_
_entity.id
_entity.type
_entity.pdbx_description
1 polymer 'HISTONE DEMETHYLASE UTY'
2 non-polymer 'MANGANESE (II) ION'
3 non-polymer 'OXALOACETATE ION'
4 non-polymer 1,2-ETHANEDIOL
5 non-polymer 'ZINC ION'
6 water water
#
_entity_poly.entity_id   1
_entity_poly.type   'polypeptide(L)'
_entity_poly.pdbx_seq_one_letter_code
;MLPKDKLNPPTPSIYLENKRDAFFPPLHQFCTNPKNPVTVIRGLAGALKLDLGLFSTKTLVEANNEHMVEVRTQLLQPAD
ENWDPTGTKKIWRCESNRSHTTIAKYAQYQASSFQESLREENEKRTQHKDHSDNESTSSENSGRRRKGPFKTIKFGTNID
LSDNKKWKLQLHELTKLPAFARVVSAGNLLTHVGHTILGMNTVQLYMKVPGSRTPGHQENNNFCSVNINIGPGDCEWFVV
PEDYWGVLNDFCEKNNLNFLMSSWWPNLEDLYEANVPVYRFIQRPGDLVWINAGTVHWVQAVGWCNNIAWNVGPLTACQY
KLAVERYEWNKLKSVKSPVPMVHLSWNMARNIKVSDPKLFEMIKYCLLKILKQYQTLREALVAAGKEVIWHGRTNDEPAH
YCSICEVEVFNLLFVTNESNTQKTYIVHCHDCARKTSKSLENFVVLEQYKMEDLIQVYDQFTLALSLSSSSAENLYFQ
;
_entity_poly.pdbx_strand_id   A,B
#
loop_
_chem_comp.id
_chem_comp.type
_chem_comp.name
_chem_comp.formula
EDO non-polymer 1,2-ETHANEDIOL 'C2 H6 O2'
MN non-polymer 'MANGANESE (II) ION' 'Mn 2'
OAA non-polymer 'OXALOACETATE ION' 'C4 H3 O5 -1'
ZN non-polymer 'ZINC ION' 'Zn 2'
#
# COMPACT_ATOMS: atom_id res chain seq x y z
N LYS A 4 -9.50 21.86 -32.01
CA LYS A 4 -8.84 22.40 -30.83
C LYS A 4 -7.50 21.70 -30.56
N ASP A 5 -6.59 22.39 -29.87
CA ASP A 5 -5.41 21.74 -29.31
C ASP A 5 -5.89 20.81 -28.21
N LYS A 6 -7.05 21.13 -27.66
CA LYS A 6 -7.67 20.38 -26.57
C LYS A 6 -8.15 19.03 -27.08
N LEU A 7 -8.20 18.86 -28.40
CA LEU A 7 -8.60 17.59 -28.98
C LEU A 7 -7.41 16.66 -29.18
N ASN A 8 -6.21 17.21 -28.98
CA ASN A 8 -4.97 16.43 -29.00
C ASN A 8 -4.14 16.66 -27.75
N PRO A 9 -4.64 16.23 -26.58
CA PRO A 9 -4.00 16.58 -25.30
C PRO A 9 -2.67 15.87 -25.08
N PRO A 10 -1.83 16.42 -24.20
CA PRO A 10 -0.54 15.78 -23.87
C PRO A 10 -0.74 14.48 -23.07
N THR A 11 0.25 13.59 -23.10
CA THR A 11 0.16 12.32 -22.37
C THR A 11 0.58 12.45 -20.91
N PRO A 12 -0.31 12.05 -19.97
CA PRO A 12 0.16 12.00 -18.58
C PRO A 12 1.33 11.03 -18.49
N SER A 13 2.49 11.54 -18.12
N SER A 13 2.52 11.53 -18.16
CA SER A 13 3.69 10.74 -18.16
CA SER A 13 3.73 10.72 -18.26
C SER A 13 4.50 10.88 -16.88
C SER A 13 4.70 10.92 -17.09
N ILE A 14 5.25 9.83 -16.57
CA ILE A 14 6.18 9.82 -15.44
C ILE A 14 7.48 9.11 -15.85
N TYR A 15 8.65 9.71 -15.65
N TYR A 15 8.61 9.68 -15.44
CA TYR A 15 9.89 8.99 -15.96
CA TYR A 15 9.93 9.20 -15.82
C TYR A 15 10.64 8.55 -14.70
C TYR A 15 10.67 8.57 -14.62
N LEU A 16 10.86 7.25 -14.60
CA LEU A 16 11.54 6.64 -13.46
C LEU A 16 13.03 6.46 -13.71
N GLU A 17 13.85 6.72 -12.68
CA GLU A 17 15.30 6.50 -12.77
C GLU A 17 15.78 5.32 -11.94
N ASN A 18 15.16 5.11 -10.79
CA ASN A 18 15.63 4.12 -9.82
C ASN A 18 14.52 3.52 -9.02
N LYS A 19 14.85 2.58 -8.13
CA LYS A 19 13.83 1.88 -7.35
C LYS A 19 13.07 2.85 -6.45
N ARG A 20 13.72 3.91 -6.00
CA ARG A 20 13.04 4.89 -5.15
C ARG A 20 11.86 5.58 -5.88
N ASP A 21 12.08 6.01 -7.12
CA ASP A 21 11.02 6.62 -7.93
C ASP A 21 9.86 5.64 -8.06
N ALA A 22 10.21 4.37 -8.26
CA ALA A 22 9.20 3.34 -8.52
C ALA A 22 8.35 3.03 -7.28
N PHE A 23 8.90 3.18 -6.08
CA PHE A 23 8.17 2.86 -4.85
C PHE A 23 7.62 4.13 -4.17
N PHE A 24 7.86 5.27 -4.81
CA PHE A 24 7.35 6.55 -4.33
C PHE A 24 5.82 6.56 -4.35
N PRO A 25 5.19 6.68 -3.18
CA PRO A 25 3.72 6.60 -3.08
C PRO A 25 2.92 7.56 -3.97
N PRO A 26 3.39 8.80 -4.20
CA PRO A 26 2.61 9.62 -5.15
C PRO A 26 2.46 9.05 -6.58
N LEU A 27 3.31 8.09 -6.98
CA LEU A 27 3.16 7.44 -8.29
C LEU A 27 1.84 6.65 -8.36
N HIS A 28 1.58 5.88 -7.32
CA HIS A 28 0.36 5.10 -7.17
C HIS A 28 -0.91 5.98 -7.21
N GLN A 29 -0.90 7.06 -6.42
CA GLN A 29 -1.97 8.07 -6.43
C GLN A 29 -2.23 8.68 -7.81
N PHE A 30 -1.16 9.01 -8.53
CA PHE A 30 -1.28 9.60 -9.87
C PHE A 30 -2.00 8.63 -10.82
N CYS A 31 -1.61 7.36 -10.81
CA CYS A 31 -2.23 6.38 -11.72
C CYS A 31 -3.72 6.18 -11.45
N THR A 32 -4.12 6.16 -10.17
CA THR A 32 -5.53 5.83 -9.88
C THR A 32 -6.47 7.04 -9.84
N ASN A 33 -5.91 8.23 -10.02
CA ASN A 33 -6.68 9.47 -10.09
C ASN A 33 -7.57 9.52 -11.33
N PRO A 34 -8.91 9.60 -11.14
CA PRO A 34 -9.87 9.56 -12.25
C PRO A 34 -9.61 10.57 -13.36
N LYS A 35 -8.93 11.67 -13.05
CA LYS A 35 -8.64 12.69 -14.04
C LYS A 35 -7.60 12.24 -15.09
N ASN A 36 -6.83 11.21 -14.77
CA ASN A 36 -5.82 10.70 -15.71
C ASN A 36 -6.30 9.41 -16.37
N PRO A 37 -6.76 9.52 -17.63
CA PRO A 37 -7.32 8.33 -18.30
C PRO A 37 -6.26 7.27 -18.52
N VAL A 38 -5.01 7.70 -18.68
CA VAL A 38 -3.90 6.78 -18.93
C VAL A 38 -2.64 7.38 -18.31
N THR A 39 -1.76 6.54 -17.79
CA THR A 39 -0.46 7.02 -17.31
C THR A 39 0.63 6.19 -17.97
N VAL A 40 1.61 6.86 -18.58
CA VAL A 40 2.72 6.12 -19.17
C VAL A 40 3.93 6.23 -18.23
N ILE A 41 4.34 5.08 -17.69
CA ILE A 41 5.47 5.06 -16.75
C ILE A 41 6.75 4.68 -17.51
N ARG A 42 7.50 5.70 -17.90
CA ARG A 42 8.67 5.48 -18.73
C ARG A 42 9.90 5.05 -17.93
N GLY A 43 10.61 4.05 -18.47
CA GLY A 43 11.84 3.60 -17.87
C GLY A 43 11.65 2.67 -16.69
N LEU A 44 10.45 2.09 -16.59
CA LEU A 44 10.07 1.26 -15.46
C LEU A 44 10.99 0.05 -15.31
N ALA A 45 11.22 -0.70 -16.39
CA ALA A 45 12.01 -1.93 -16.26
C ALA A 45 13.48 -1.61 -15.89
N GLY A 46 14.02 -0.56 -16.48
CA GLY A 46 15.37 -0.11 -16.16
C GLY A 46 15.51 0.30 -14.70
N ALA A 47 14.50 1.00 -14.18
CA ALA A 47 14.51 1.46 -12.80
C ALA A 47 14.55 0.30 -11.81
N LEU A 48 13.87 -0.80 -12.15
CA LEU A 48 13.78 -1.97 -11.26
C LEU A 48 14.81 -3.06 -11.57
N LYS A 49 15.57 -2.88 -12.65
CA LYS A 49 16.42 -3.94 -13.21
C LYS A 49 15.62 -5.22 -13.48
N LEU A 50 14.44 -5.07 -14.10
CA LEU A 50 13.65 -6.25 -14.52
C LEU A 50 14.33 -6.96 -15.70
N ASP A 51 14.44 -8.28 -15.66
CA ASP A 51 15.07 -8.96 -16.80
C ASP A 51 14.04 -9.24 -17.88
N LEU A 52 13.97 -8.35 -18.88
CA LEU A 52 13.00 -8.49 -19.96
C LEU A 52 13.35 -9.68 -20.85
N GLY A 53 14.61 -10.12 -20.83
CA GLY A 53 15.04 -11.27 -21.59
C GLY A 53 14.28 -12.55 -21.25
N LEU A 54 13.67 -12.59 -20.06
CA LEU A 54 12.85 -13.73 -19.67
C LEU A 54 11.62 -13.85 -20.55
N PHE A 55 11.29 -12.78 -21.28
CA PHE A 55 10.11 -12.79 -22.15
C PHE A 55 10.48 -12.66 -23.63
N SER A 56 11.77 -12.78 -23.95
CA SER A 56 12.16 -12.77 -25.36
C SER A 56 11.62 -14.03 -26.04
N THR A 57 11.44 -13.95 -27.35
CA THR A 57 10.91 -15.08 -28.13
C THR A 57 11.84 -16.30 -28.03
N LYS A 58 13.15 -16.08 -28.08
CA LYS A 58 14.13 -17.15 -27.91
C LYS A 58 13.92 -17.89 -26.60
N THR A 59 13.78 -17.15 -25.51
CA THR A 59 13.53 -17.77 -24.22
C THR A 59 12.18 -18.51 -24.19
N LEU A 60 11.15 -17.93 -24.80
CA LEU A 60 9.81 -18.56 -24.73
C LEU A 60 9.79 -19.91 -25.47
N VAL A 61 10.44 -19.95 -26.64
CA VAL A 61 10.58 -21.19 -27.39
C VAL A 61 11.26 -22.28 -26.56
N GLU A 62 12.35 -21.92 -25.89
CA GLU A 62 13.06 -22.87 -25.04
C GLU A 62 12.17 -23.35 -23.90
N ALA A 63 11.36 -22.45 -23.34
CA ALA A 63 10.54 -22.82 -22.18
C ALA A 63 9.40 -23.79 -22.48
N ASN A 64 8.58 -23.46 -23.48
CA ASN A 64 7.37 -24.23 -23.79
C ASN A 64 7.05 -24.12 -25.27
N ASN A 65 7.77 -24.86 -26.10
CA ASN A 65 7.69 -24.64 -27.54
C ASN A 65 6.35 -25.04 -28.17
N GLU A 66 5.59 -25.90 -27.51
CA GLU A 66 4.31 -26.34 -28.05
C GLU A 66 3.12 -25.61 -27.43
N HIS A 67 3.38 -24.52 -26.72
CA HIS A 67 2.32 -23.77 -26.04
C HIS A 67 1.40 -23.10 -27.06
N MET A 68 0.10 -23.00 -26.76
CA MET A 68 -0.89 -22.51 -27.72
C MET A 68 -0.84 -21.00 -27.92
N VAL A 69 -1.02 -20.58 -29.17
CA VAL A 69 -1.06 -19.17 -29.53
C VAL A 69 -2.30 -18.88 -30.38
N GLU A 70 -3.12 -17.90 -29.99
CA GLU A 70 -4.23 -17.47 -30.84
C GLU A 70 -3.72 -16.51 -31.93
N VAL A 71 -3.98 -16.86 -33.18
CA VAL A 71 -3.52 -16.06 -34.29
C VAL A 71 -4.60 -15.17 -34.89
N ARG A 72 -4.33 -13.88 -35.00
CA ARG A 72 -5.18 -13.01 -35.81
C ARG A 72 -4.49 -12.70 -37.13
N THR A 73 -5.19 -12.94 -38.23
CA THR A 73 -4.69 -12.60 -39.55
C THR A 73 -5.32 -11.27 -39.98
N GLN A 74 -4.47 -10.27 -40.25
CA GLN A 74 -4.94 -8.90 -40.50
C GLN A 74 -4.33 -8.33 -41.77
N LEU A 75 -4.80 -7.16 -42.18
CA LEU A 75 -4.15 -6.41 -43.25
C LEU A 75 -3.18 -5.38 -42.66
N LEU A 76 -2.03 -5.19 -43.33
CA LEU A 76 -1.08 -4.17 -42.92
C LEU A 76 -1.52 -2.79 -43.40
N GLN A 77 -2.09 -1.99 -42.52
CA GLN A 77 -2.67 -0.69 -42.87
C GLN A 77 -1.66 0.44 -42.65
N PRO A 78 -1.82 1.57 -43.36
CA PRO A 78 -0.90 2.70 -43.23
C PRO A 78 -1.16 3.56 -42.01
N ALA A 79 -0.09 3.85 -41.26
CA ALA A 79 -0.17 4.76 -40.11
C ALA A 79 -1.35 4.48 -39.18
N ASP A 80 -2.22 5.48 -39.06
CA ASP A 80 -3.32 5.49 -38.09
C ASP A 80 -4.69 5.28 -38.72
N GLU A 81 -4.70 4.76 -39.94
CA GLU A 81 -5.92 4.64 -40.74
C GLU A 81 -6.40 3.20 -40.89
N ASN A 82 -7.66 3.04 -41.30
CA ASN A 82 -8.20 1.72 -41.67
C ASN A 82 -9.07 1.87 -42.91
N TRP A 83 -8.64 1.26 -44.01
CA TRP A 83 -9.34 1.39 -45.28
C TRP A 83 -10.11 0.14 -45.59
N ASP A 84 -11.20 0.27 -46.33
CA ASP A 84 -11.91 -0.90 -46.82
C ASP A 84 -10.94 -1.65 -47.75
N PRO A 85 -11.14 -2.98 -47.93
CA PRO A 85 -10.19 -3.80 -48.70
C PRO A 85 -9.79 -3.18 -50.06
N THR A 86 -10.76 -2.57 -50.74
CA THR A 86 -10.56 -2.01 -52.07
C THR A 86 -9.73 -0.71 -52.10
N GLY A 87 -9.60 -0.04 -50.95
CA GLY A 87 -8.80 1.17 -50.85
C GLY A 87 -9.55 2.44 -51.24
N THR A 88 -10.87 2.37 -51.19
CA THR A 88 -11.73 3.46 -51.62
C THR A 88 -12.05 4.45 -50.50
N LYS A 89 -12.40 3.94 -49.33
CA LYS A 89 -12.75 4.80 -48.20
C LYS A 89 -12.32 4.24 -46.85
N LYS A 90 -12.18 5.13 -45.88
CA LYS A 90 -11.87 4.72 -44.51
C LYS A 90 -13.14 4.25 -43.78
N ILE A 91 -13.05 3.08 -43.17
CA ILE A 91 -14.18 2.49 -42.42
C ILE A 91 -13.77 1.99 -41.04
N TRP A 92 -14.76 1.78 -40.17
CA TRP A 92 -14.51 1.34 -38.79
C TRP A 92 -14.26 -0.17 -38.67
N ARG A 93 -14.91 -0.98 -39.49
CA ARG A 93 -14.75 -2.43 -39.42
C ARG A 93 -13.33 -2.91 -39.77
N CYS A 94 -12.78 -3.80 -38.95
N CYS A 94 -12.79 -3.83 -38.97
CA CYS A 94 -11.47 -4.36 -39.19
CA CYS A 94 -11.39 -4.29 -39.06
C CYS A 94 -11.58 -5.80 -39.59
C CYS A 94 -11.26 -5.80 -39.32
N GLU A 95 -10.69 -6.20 -40.46
CA GLU A 95 -10.58 -7.61 -40.83
C GLU A 95 -9.63 -8.31 -39.86
N SER A 96 -10.09 -9.35 -39.15
CA SER A 96 -9.22 -10.00 -38.16
C SER A 96 -9.64 -11.45 -37.93
N ASN A 97 -9.26 -12.34 -38.87
CA ASN A 97 -9.63 -13.76 -38.80
C ASN A 97 -8.78 -14.60 -37.86
N ARG A 98 -9.44 -15.47 -37.11
CA ARG A 98 -8.83 -16.24 -36.03
C ARG A 98 -8.45 -17.67 -36.41
N SER A 99 -7.30 -18.11 -35.92
CA SER A 99 -6.87 -19.51 -36.01
C SER A 99 -5.93 -19.78 -34.82
N HIS A 100 -5.33 -20.96 -34.75
CA HIS A 100 -4.40 -21.32 -33.68
C HIS A 100 -3.05 -21.75 -34.23
N THR A 101 -1.99 -21.51 -33.46
CA THR A 101 -0.66 -22.08 -33.74
C THR A 101 0.05 -22.36 -32.42
N THR A 102 1.37 -22.62 -32.48
CA THR A 102 2.21 -22.80 -31.29
C THR A 102 3.28 -21.68 -31.18
N ILE A 103 3.91 -21.55 -30.01
CA ILE A 103 4.96 -20.55 -29.84
C ILE A 103 6.10 -20.80 -30.83
N ALA A 104 6.47 -22.07 -30.99
CA ALA A 104 7.59 -22.40 -31.88
C ALA A 104 7.30 -22.01 -33.33
N LYS A 105 6.08 -22.28 -33.79
CA LYS A 105 5.72 -21.95 -35.16
C LYS A 105 5.55 -20.44 -35.35
N TYR A 106 4.96 -19.76 -34.38
CA TYR A 106 4.81 -18.31 -34.57
C TYR A 106 6.20 -17.62 -34.51
N ALA A 107 7.07 -18.10 -33.63
CA ALA A 107 8.45 -17.56 -33.50
C ALA A 107 9.21 -17.61 -34.83
N GLN A 108 9.05 -18.73 -35.53
CA GLN A 108 9.64 -18.93 -36.85
C GLN A 108 9.16 -17.86 -37.83
N TYR A 109 7.86 -17.56 -37.79
CA TYR A 109 7.28 -16.51 -38.64
C TYR A 109 7.77 -15.10 -38.25
N GLN A 110 7.85 -14.82 -36.94
CA GLN A 110 8.32 -13.53 -36.44
C GLN A 110 9.75 -13.24 -36.94
N ALA A 111 10.62 -14.24 -36.85
CA ALA A 111 12.01 -14.07 -37.33
C ALA A 111 12.11 -13.96 -38.84
N SER A 112 11.35 -14.76 -39.59
CA SER A 112 11.52 -14.74 -41.05
C SER A 112 10.91 -13.46 -41.62
N SER A 113 9.87 -12.95 -40.96
CA SER A 113 9.28 -11.65 -41.28
C SER A 113 10.34 -10.52 -41.24
N PHE A 114 11.11 -10.51 -40.17
CA PHE A 114 12.20 -9.51 -40.02
C PHE A 114 13.32 -9.68 -41.07
N GLN A 115 13.80 -10.91 -41.25
CA GLN A 115 14.81 -11.16 -42.27
C GLN A 115 14.33 -10.72 -43.63
N GLU A 116 13.07 -11.03 -43.95
CA GLU A 116 12.51 -10.65 -45.24
C GLU A 116 12.44 -9.14 -45.49
N SER A 117 12.13 -8.36 -44.46
CA SER A 117 12.11 -6.90 -44.59
C SER A 117 13.53 -6.33 -44.74
N LEU A 118 14.52 -6.98 -44.13
CA LEU A 118 15.91 -6.53 -44.31
C LEU A 118 16.31 -6.63 -45.79
N ARG A 119 15.81 -7.67 -46.46
CA ARG A 119 16.10 -7.91 -47.86
C ARG A 119 15.40 -6.92 -48.77
N GLU A 120 14.16 -6.58 -48.45
CA GLU A 120 13.43 -5.58 -49.23
C GLU A 120 14.12 -4.23 -49.11
N GLU A 121 14.55 -3.91 -47.89
CA GLU A 121 15.30 -2.67 -47.62
C GLU A 121 16.61 -2.62 -48.40
N ASN A 122 17.12 -3.78 -48.79
CA ASN A 122 18.32 -3.87 -49.60
C ASN A 122 18.00 -4.29 -51.04
N GLU A 123 16.76 -4.04 -51.47
CA GLU A 123 16.37 -4.28 -52.84
C GLU A 123 16.30 -2.92 -53.52
N LYS A 124 16.36 -1.88 -52.69
CA LYS A 124 16.32 -0.48 -53.13
C LYS A 124 14.97 -0.18 -53.81
N ARG A 125 14.95 0.84 -54.67
CA ARG A 125 13.69 1.26 -55.29
C ARG A 125 13.51 0.65 -56.68
N LYS A 147 -4.79 4.10 -50.03
CA LYS A 147 -5.10 3.21 -51.13
C LYS A 147 -4.09 2.06 -51.22
N GLY A 148 -4.59 0.84 -51.35
CA GLY A 148 -3.75 -0.34 -51.32
C GLY A 148 -3.16 -0.73 -52.66
N PRO A 149 -3.17 -2.04 -53.00
CA PRO A 149 -3.65 -3.19 -52.22
C PRO A 149 -2.78 -3.49 -50.99
N PHE A 150 -3.38 -4.04 -49.95
CA PHE A 150 -2.67 -4.26 -48.68
C PHE A 150 -2.20 -5.71 -48.47
N LYS A 151 -1.05 -5.84 -47.83
CA LYS A 151 -0.46 -7.13 -47.49
C LYS A 151 -1.12 -7.76 -46.23
N THR A 152 -1.00 -9.07 -46.11
CA THR A 152 -1.50 -9.82 -44.96
C THR A 152 -0.39 -10.09 -43.93
N ILE A 153 -0.71 -9.88 -42.64
CA ILE A 153 0.18 -10.19 -41.53
C ILE A 153 -0.52 -11.02 -40.45
N LYS A 154 0.28 -11.67 -39.60
CA LYS A 154 -0.25 -12.48 -38.50
C LYS A 154 0.25 -11.96 -37.13
N PHE A 155 -0.65 -11.93 -36.16
CA PHE A 155 -0.45 -11.39 -34.81
C PHE A 155 -0.74 -12.51 -33.81
N GLY A 156 0.23 -12.82 -32.95
CA GLY A 156 0.05 -13.86 -31.94
C GLY A 156 -0.45 -13.25 -30.63
N THR A 157 -1.67 -13.58 -30.24
N THR A 157 -1.71 -13.51 -30.30
CA THR A 157 -2.33 -12.88 -29.14
CA THR A 157 -2.32 -12.82 -29.16
C THR A 157 -2.76 -13.81 -28.02
C THR A 157 -2.94 -13.76 -28.11
N ASN A 158 -3.19 -13.20 -26.92
CA ASN A 158 -3.80 -13.98 -25.84
C ASN A 158 -3.10 -15.27 -25.37
N ILE A 159 -1.78 -15.20 -25.23
CA ILE A 159 -1.05 -16.41 -24.84
C ILE A 159 -1.11 -16.61 -23.33
N ASP A 160 -1.56 -17.79 -22.89
CA ASP A 160 -1.89 -18.01 -21.48
C ASP A 160 -0.68 -18.40 -20.63
N LEU A 161 -0.25 -17.48 -19.76
CA LEU A 161 0.89 -17.68 -18.85
C LEU A 161 0.46 -17.87 -17.38
N SER A 162 -0.69 -18.53 -17.18
CA SER A 162 -1.22 -18.77 -15.82
C SER A 162 -0.53 -19.90 -15.06
N ASP A 163 0.12 -20.83 -15.77
CA ASP A 163 0.68 -22.02 -15.10
C ASP A 163 2.04 -21.72 -14.46
N ASN A 164 2.07 -21.71 -13.13
CA ASN A 164 3.31 -21.42 -12.38
C ASN A 164 4.40 -22.47 -12.53
N LYS A 165 4.03 -23.70 -12.90
CA LYS A 165 5.03 -24.72 -13.11
C LYS A 165 5.71 -24.56 -14.48
N LYS A 166 5.00 -23.97 -15.43
CA LYS A 166 5.58 -23.78 -16.76
C LYS A 166 6.31 -22.46 -16.91
N TRP A 167 5.96 -21.49 -16.07
CA TRP A 167 6.45 -20.13 -16.23
C TRP A 167 7.00 -19.54 -14.93
N LYS A 168 7.66 -20.38 -14.14
CA LYS A 168 8.08 -20.02 -12.78
C LYS A 168 8.96 -18.77 -12.74
N LEU A 169 9.99 -18.75 -13.58
CA LEU A 169 10.93 -17.64 -13.54
C LEU A 169 10.30 -16.36 -14.10
N GLN A 170 9.45 -16.51 -15.11
CA GLN A 170 8.75 -15.35 -15.68
C GLN A 170 7.82 -14.70 -14.65
N LEU A 171 7.00 -15.50 -13.97
CA LEU A 171 6.03 -14.94 -13.04
C LEU A 171 6.75 -14.35 -11.81
N HIS A 172 7.85 -14.98 -11.40
CA HIS A 172 8.60 -14.48 -10.23
C HIS A 172 9.18 -13.09 -10.50
N GLU A 173 9.58 -12.85 -11.74
CA GLU A 173 10.19 -11.56 -12.10
C GLU A 173 9.19 -10.40 -11.92
N LEU A 174 7.92 -10.66 -12.18
CA LEU A 174 6.89 -9.63 -12.06
C LEU A 174 6.51 -9.31 -10.60
N THR A 175 6.96 -10.12 -9.64
CA THR A 175 6.73 -9.77 -8.23
C THR A 175 7.66 -8.66 -7.79
N LYS A 176 8.61 -8.29 -8.65
CA LYS A 176 9.53 -7.19 -8.36
C LYS A 176 8.87 -5.82 -8.58
N LEU A 177 7.67 -5.81 -9.15
CA LEU A 177 6.94 -4.56 -9.38
C LEU A 177 6.44 -3.97 -8.05
N PRO A 178 6.19 -2.65 -8.01
CA PRO A 178 5.52 -2.05 -6.85
C PRO A 178 4.15 -2.69 -6.68
N ALA A 179 3.70 -2.84 -5.43
CA ALA A 179 2.54 -3.63 -5.09
C ALA A 179 1.30 -3.26 -5.88
N PHE A 180 1.07 -1.97 -6.10
CA PHE A 180 -0.19 -1.56 -6.75
C PHE A 180 -0.34 -2.10 -8.17
N ALA A 181 0.78 -2.43 -8.82
CA ALA A 181 0.73 -2.92 -10.20
C ALA A 181 0.91 -4.43 -10.35
N ARG A 182 1.07 -5.15 -9.24
CA ARG A 182 1.29 -6.61 -9.29
C ARG A 182 0.02 -7.37 -9.70
N VAL A 183 0.20 -8.56 -10.28
CA VAL A 183 -0.94 -9.45 -10.58
C VAL A 183 -1.70 -9.84 -9.29
N VAL A 184 -0.95 -10.06 -8.22
CA VAL A 184 -1.53 -10.42 -6.91
C VAL A 184 -1.10 -9.44 -5.83
N SER A 185 -2.06 -8.83 -5.13
CA SER A 185 -1.73 -7.96 -4.00
C SER A 185 -2.96 -7.74 -3.12
N ALA A 186 -2.70 -7.38 -1.87
CA ALA A 186 -3.76 -7.32 -0.87
C ALA A 186 -4.75 -6.21 -1.15
N GLY A 187 -4.32 -5.24 -1.94
CA GLY A 187 -5.17 -4.13 -2.32
C GLY A 187 -5.80 -4.27 -3.70
N ASN A 188 -5.71 -5.47 -4.28
CA ASN A 188 -6.26 -5.71 -5.62
C ASN A 188 -7.60 -6.46 -5.50
N LEU A 189 -8.67 -5.80 -5.95
CA LEU A 189 -10.01 -6.41 -5.92
C LEU A 189 -10.03 -7.78 -6.61
N LEU A 190 -9.25 -7.94 -7.68
CA LEU A 190 -9.20 -9.21 -8.40
C LEU A 190 -8.52 -10.32 -7.60
N THR A 191 -7.69 -9.93 -6.63
CA THR A 191 -7.14 -10.89 -5.69
C THR A 191 -8.22 -11.35 -4.69
N HIS A 192 -9.21 -10.50 -4.47
CA HIS A 192 -10.28 -10.82 -3.51
C HIS A 192 -11.47 -11.59 -4.10
N VAL A 193 -11.47 -11.79 -5.41
CA VAL A 193 -12.50 -12.62 -6.05
C VAL A 193 -12.44 -14.03 -5.45
N GLY A 194 -11.22 -14.51 -5.19
CA GLY A 194 -11.01 -15.78 -4.54
C GLY A 194 -10.80 -16.97 -5.47
N HIS A 195 -10.79 -16.70 -6.77
CA HIS A 195 -10.52 -17.75 -7.74
C HIS A 195 -9.98 -17.16 -9.04
N THR A 196 -9.43 -18.02 -9.90
CA THR A 196 -8.81 -17.57 -11.14
C THR A 196 -9.80 -16.98 -12.14
N ILE A 197 -9.49 -15.82 -12.69
CA ILE A 197 -10.20 -15.29 -13.85
C ILE A 197 -9.19 -15.13 -14.96
N LEU A 198 -9.25 -16.05 -15.91
CA LEU A 198 -8.18 -16.19 -16.88
C LEU A 198 -7.94 -14.91 -17.66
N GLY A 199 -6.69 -14.43 -17.65
CA GLY A 199 -6.31 -13.24 -18.38
C GLY A 199 -6.52 -11.94 -17.63
N MET A 200 -7.20 -12.01 -16.48
CA MET A 200 -7.41 -10.84 -15.63
C MET A 200 -6.52 -10.90 -14.39
N ASN A 201 -6.66 -11.94 -13.57
CA ASN A 201 -5.71 -12.12 -12.49
C ASN A 201 -4.69 -13.21 -12.83
N THR A 202 -4.49 -13.42 -14.13
CA THR A 202 -3.36 -14.19 -14.65
C THR A 202 -2.77 -13.42 -15.83
N VAL A 203 -1.49 -13.66 -16.15
CA VAL A 203 -0.81 -12.89 -17.20
C VAL A 203 -1.08 -13.40 -18.63
N GLN A 204 -1.24 -12.47 -19.57
CA GLN A 204 -1.34 -12.74 -21.00
C GLN A 204 -0.13 -12.21 -21.74
N LEU A 205 0.30 -12.97 -22.75
CA LEU A 205 1.43 -12.58 -23.61
C LEU A 205 1.00 -12.37 -25.06
N TYR A 206 1.71 -11.46 -25.73
CA TYR A 206 1.44 -11.10 -27.11
C TYR A 206 2.74 -11.09 -27.92
N MET A 207 2.76 -11.75 -29.08
CA MET A 207 3.95 -11.75 -29.94
C MET A 207 3.62 -11.07 -31.26
N LYS A 208 4.44 -10.09 -31.67
CA LYS A 208 4.05 -9.19 -32.76
C LYS A 208 5.04 -8.99 -33.90
N VAL A 209 4.49 -8.63 -35.07
CA VAL A 209 5.26 -8.08 -36.20
C VAL A 209 4.63 -6.71 -36.49
N PRO A 210 5.34 -5.84 -37.25
CA PRO A 210 4.81 -4.50 -37.57
C PRO A 210 3.40 -4.50 -38.15
N GLY A 211 2.56 -3.62 -37.61
CA GLY A 211 1.17 -3.50 -38.04
C GLY A 211 0.18 -4.32 -37.23
N SER A 212 0.66 -5.21 -36.37
CA SER A 212 -0.22 -6.03 -35.51
C SER A 212 -1.12 -5.15 -34.63
N ARG A 213 -2.43 -5.34 -34.74
CA ARG A 213 -3.38 -4.44 -34.07
C ARG A 213 -4.24 -5.09 -33.02
N THR A 214 -4.36 -4.43 -31.87
CA THR A 214 -5.42 -4.75 -30.90
C THR A 214 -6.53 -3.73 -31.09
N PRO A 215 -7.71 -4.17 -31.60
CA PRO A 215 -8.79 -3.23 -31.95
C PRO A 215 -9.43 -2.55 -30.73
N GLY A 216 -10.30 -1.58 -30.98
CA GLY A 216 -10.90 -0.76 -29.92
C GLY A 216 -11.69 -1.52 -28.87
N HIS A 217 -11.44 -1.21 -27.60
CA HIS A 217 -12.15 -1.90 -26.54
C HIS A 217 -12.09 -1.19 -25.20
N GLN A 218 -12.98 -1.57 -24.30
CA GLN A 218 -12.81 -1.30 -22.88
C GLN A 218 -12.46 -2.63 -22.23
N GLU A 219 -11.76 -2.59 -21.10
CA GLU A 219 -11.40 -3.79 -20.35
C GLU A 219 -12.64 -4.51 -19.85
N ASN A 220 -12.52 -5.80 -19.58
CA ASN A 220 -13.62 -6.58 -19.01
C ASN A 220 -14.10 -5.92 -17.72
N ASN A 221 -15.41 -5.68 -17.65
CA ASN A 221 -16.01 -5.02 -16.48
C ASN A 221 -15.27 -3.75 -16.03
N ASN A 222 -14.64 -3.09 -16.99
CA ASN A 222 -14.00 -1.78 -16.80
C ASN A 222 -12.88 -1.77 -15.75
N PHE A 223 -12.21 -2.90 -15.53
CA PHE A 223 -11.10 -2.92 -14.56
C PHE A 223 -9.84 -2.30 -15.18
N CYS A 224 -9.00 -1.69 -14.36
CA CYS A 224 -7.74 -1.14 -14.86
C CYS A 224 -6.87 -2.23 -15.50
N SER A 225 -5.92 -1.83 -16.35
N SER A 225 -5.92 -1.82 -16.35
CA SER A 225 -5.01 -2.81 -16.95
CA SER A 225 -5.02 -2.78 -16.98
C SER A 225 -3.57 -2.30 -16.95
C SER A 225 -3.56 -2.29 -16.96
N VAL A 226 -2.63 -3.24 -16.92
CA VAL A 226 -1.18 -2.97 -16.98
C VAL A 226 -0.62 -3.63 -18.25
N ASN A 227 0.21 -2.93 -19.02
CA ASN A 227 0.87 -3.49 -20.21
C ASN A 227 2.36 -3.09 -20.21
N ILE A 228 3.26 -4.07 -20.34
CA ILE A 228 4.70 -3.78 -20.48
C ILE A 228 5.21 -4.26 -21.84
N ASN A 229 5.91 -3.38 -22.55
CA ASN A 229 6.52 -3.74 -23.83
C ASN A 229 7.89 -4.37 -23.61
N ILE A 230 8.06 -5.58 -24.12
CA ILE A 230 9.28 -6.36 -23.96
C ILE A 230 10.36 -5.92 -24.94
N GLY A 231 9.92 -5.33 -26.06
CA GLY A 231 10.79 -4.94 -27.15
C GLY A 231 11.14 -6.09 -28.09
N PRO A 232 12.10 -5.87 -29.01
CA PRO A 232 12.97 -4.68 -29.11
C PRO A 232 12.32 -3.48 -29.79
N GLY A 233 11.19 -3.68 -30.48
CA GLY A 233 10.51 -2.57 -31.14
C GLY A 233 9.48 -1.83 -30.29
N ASP A 234 8.90 -0.77 -30.87
CA ASP A 234 7.92 0.12 -30.22
C ASP A 234 6.45 -0.25 -30.54
N CYS A 235 5.54 0.19 -29.67
CA CYS A 235 4.09 0.17 -29.96
C CYS A 235 3.54 1.59 -29.98
N GLU A 236 2.47 1.80 -30.73
CA GLU A 236 1.78 3.09 -30.77
C GLU A 236 0.36 2.95 -30.19
N TRP A 237 0.01 3.81 -29.25
CA TRP A 237 -1.26 3.73 -28.50
C TRP A 237 -2.20 4.88 -28.83
N PHE A 238 -3.50 4.57 -28.84
CA PHE A 238 -4.57 5.56 -29.01
C PHE A 238 -5.57 5.42 -27.85
N VAL A 239 -5.91 6.55 -27.21
CA VAL A 239 -6.69 6.51 -25.96
C VAL A 239 -7.79 7.59 -25.90
N VAL A 240 -8.99 7.20 -25.48
CA VAL A 240 -10.13 8.09 -25.32
C VAL A 240 -10.69 7.94 -23.90
N PRO A 241 -10.95 9.06 -23.20
CA PRO A 241 -11.39 8.99 -21.79
C PRO A 241 -12.72 8.25 -21.63
N GLU A 242 -12.94 7.69 -20.44
CA GLU A 242 -14.13 6.86 -20.20
C GLU A 242 -15.43 7.59 -20.52
N ASP A 243 -15.50 8.89 -20.24
CA ASP A 243 -16.81 9.55 -20.34
C ASP A 243 -17.23 9.90 -21.77
N TYR A 244 -16.42 9.52 -22.77
CA TYR A 244 -16.81 9.66 -24.17
C TYR A 244 -17.19 8.33 -24.81
N TRP A 245 -17.25 7.27 -24.01
CA TRP A 245 -17.45 5.93 -24.58
C TRP A 245 -18.81 5.80 -25.28
N GLY A 246 -19.80 6.54 -24.80
CA GLY A 246 -21.12 6.55 -25.42
C GLY A 246 -21.09 7.07 -26.86
N VAL A 247 -20.19 8.01 -27.14
CA VAL A 247 -20.07 8.54 -28.50
C VAL A 247 -19.53 7.45 -29.42
N LEU A 248 -18.54 6.70 -28.94
CA LEU A 248 -17.99 5.63 -29.76
C LEU A 248 -19.00 4.49 -29.90
N ASN A 249 -19.81 4.27 -28.88
CA ASN A 249 -20.88 3.27 -29.00
C ASN A 249 -21.87 3.65 -30.10
N ASP A 250 -22.25 4.92 -30.17
CA ASP A 250 -23.17 5.40 -31.22
C ASP A 250 -22.58 5.19 -32.60
N PHE A 251 -21.31 5.54 -32.75
CA PHE A 251 -20.59 5.37 -34.02
C PHE A 251 -20.63 3.93 -34.48
N CYS A 252 -20.33 2.99 -33.57
CA CYS A 252 -20.38 1.57 -33.91
C CYS A 252 -21.78 1.16 -34.40
N GLU A 253 -22.80 1.57 -33.65
CA GLU A 253 -24.17 1.21 -33.99
C GLU A 253 -24.63 1.76 -35.34
N LYS A 254 -24.14 2.95 -35.69
CA LYS A 254 -24.51 3.57 -36.94
C LYS A 254 -23.72 2.97 -38.11
N ASN A 255 -22.70 2.19 -37.80
CA ASN A 255 -21.91 1.53 -38.83
C ASN A 255 -22.10 0.02 -38.78
N ASN A 256 -23.21 -0.41 -38.20
CA ASN A 256 -23.54 -1.84 -38.12
C ASN A 256 -22.47 -2.67 -37.42
N LEU A 257 -22.01 -2.19 -36.28
CA LEU A 257 -21.00 -2.88 -35.49
C LEU A 257 -21.44 -3.00 -34.02
N ASN A 258 -21.11 -4.13 -33.39
CA ASN A 258 -21.30 -4.31 -31.96
C ASN A 258 -20.09 -3.78 -31.20
N PHE A 259 -20.28 -2.71 -30.42
CA PHE A 259 -19.20 -2.07 -29.67
C PHE A 259 -18.42 -3.08 -28.81
N LEU A 260 -19.15 -4.00 -28.16
CA LEU A 260 -18.56 -4.98 -27.26
C LEU A 260 -17.99 -6.25 -27.95
N MET A 261 -18.53 -6.61 -29.11
CA MET A 261 -18.17 -7.89 -29.71
C MET A 261 -17.44 -7.81 -31.06
N SER A 262 -17.59 -6.71 -31.78
CA SER A 262 -16.97 -6.59 -33.12
C SER A 262 -15.53 -6.03 -33.08
N SER A 263 -14.79 -6.24 -34.17
CA SER A 263 -13.46 -5.62 -34.33
C SER A 263 -13.56 -4.30 -35.09
N TRP A 264 -13.22 -3.19 -34.41
CA TRP A 264 -13.30 -1.89 -35.02
C TRP A 264 -12.08 -1.02 -34.71
N TRP A 265 -11.73 -0.16 -35.67
CA TRP A 265 -10.57 0.73 -35.62
C TRP A 265 -11.03 2.14 -35.97
N PRO A 266 -11.16 3.02 -34.97
CA PRO A 266 -11.78 4.34 -35.12
C PRO A 266 -11.17 5.22 -36.20
N ASN A 267 -12.01 5.93 -36.95
CA ASN A 267 -11.55 6.96 -37.87
C ASN A 267 -11.29 8.27 -37.12
N LEU A 268 -10.02 8.68 -37.03
CA LEU A 268 -9.65 9.82 -36.21
C LEU A 268 -10.31 11.12 -36.66
N GLU A 269 -10.66 11.18 -37.95
CA GLU A 269 -11.31 12.36 -38.52
C GLU A 269 -12.78 12.41 -38.10
N ASP A 270 -13.43 11.25 -38.02
CA ASP A 270 -14.77 11.17 -37.43
C ASP A 270 -14.75 11.64 -35.97
N LEU A 271 -13.74 11.23 -35.21
CA LEU A 271 -13.70 11.56 -33.80
C LEU A 271 -13.46 13.06 -33.61
N TYR A 272 -12.57 13.62 -34.42
CA TYR A 272 -12.23 15.03 -34.33
C TYR A 272 -13.47 15.85 -34.64
N GLU A 273 -14.18 15.46 -35.69
CA GLU A 273 -15.43 16.12 -36.06
C GLU A 273 -16.43 16.10 -34.89
N ALA A 274 -16.52 14.98 -34.18
CA ALA A 274 -17.47 14.84 -33.07
C ALA A 274 -16.93 15.42 -31.75
N ASN A 275 -15.83 16.13 -31.83
CA ASN A 275 -15.18 16.78 -30.68
C ASN A 275 -14.78 15.82 -29.54
N VAL A 276 -14.31 14.65 -29.92
CA VAL A 276 -13.79 13.67 -28.98
C VAL A 276 -12.26 13.78 -28.89
N PRO A 277 -11.74 14.05 -27.68
CA PRO A 277 -10.28 14.15 -27.53
C PRO A 277 -9.60 12.79 -27.58
N VAL A 278 -8.44 12.75 -28.25
CA VAL A 278 -7.67 11.52 -28.43
C VAL A 278 -6.24 11.69 -27.92
N TYR A 279 -5.87 10.87 -26.94
CA TYR A 279 -4.50 10.80 -26.45
C TYR A 279 -3.71 9.85 -27.34
N ARG A 280 -2.54 10.28 -27.77
CA ARG A 280 -1.71 9.47 -28.66
C ARG A 280 -0.23 9.50 -28.22
N PHE A 281 0.42 8.33 -28.15
CA PHE A 281 1.80 8.26 -27.67
C PHE A 281 2.51 6.97 -28.09
N ILE A 282 3.82 6.95 -27.89
CA ILE A 282 4.69 5.80 -28.18
C ILE A 282 5.14 5.08 -26.90
N GLN A 283 4.98 3.75 -26.89
CA GLN A 283 5.42 2.89 -25.78
C GLN A 283 6.70 2.17 -26.18
N ARG A 284 7.81 2.46 -25.50
CA ARG A 284 9.11 1.87 -25.84
C ARG A 284 9.40 0.66 -24.95
N PRO A 285 10.39 -0.17 -25.31
CA PRO A 285 10.69 -1.34 -24.46
C PRO A 285 10.99 -0.95 -23.02
N GLY A 286 10.36 -1.63 -22.07
CA GLY A 286 10.49 -1.33 -20.66
C GLY A 286 9.51 -0.30 -20.12
N ASP A 287 8.78 0.38 -21.00
CA ASP A 287 7.75 1.33 -20.57
C ASP A 287 6.48 0.56 -20.11
N LEU A 288 5.92 0.93 -18.97
CA LEU A 288 4.65 0.34 -18.50
C LEU A 288 3.52 1.32 -18.75
N VAL A 289 2.43 0.83 -19.36
CA VAL A 289 1.24 1.65 -19.61
C VAL A 289 0.15 1.27 -18.62
N TRP A 290 -0.35 2.26 -17.86
CA TRP A 290 -1.48 2.05 -16.94
C TRP A 290 -2.75 2.59 -17.58
N ILE A 291 -3.70 1.71 -17.90
CA ILE A 291 -5.01 2.09 -18.46
C ILE A 291 -6.00 2.19 -17.31
N ASN A 292 -6.50 3.38 -17.06
CA ASN A 292 -7.39 3.59 -15.92
C ASN A 292 -8.78 3.03 -16.21
N ALA A 293 -9.66 3.04 -15.20
CA ALA A 293 -10.94 2.31 -15.31
C ALA A 293 -11.89 2.86 -16.39
N GLY A 294 -12.33 2.00 -17.32
CA GLY A 294 -13.22 2.39 -18.39
C GLY A 294 -12.59 3.13 -19.58
N THR A 295 -11.28 3.38 -19.52
CA THR A 295 -10.60 4.11 -20.61
C THR A 295 -10.63 3.30 -21.90
N VAL A 296 -11.13 3.89 -22.99
CA VAL A 296 -11.22 3.21 -24.29
C VAL A 296 -9.88 3.29 -25.02
N HIS A 297 -9.41 2.20 -25.63
CA HIS A 297 -8.09 2.23 -26.25
C HIS A 297 -7.94 1.20 -27.38
N TRP A 298 -7.01 1.48 -28.31
CA TRP A 298 -6.61 0.54 -29.37
C TRP A 298 -5.09 0.73 -29.68
N VAL A 299 -4.42 -0.31 -30.15
CA VAL A 299 -2.93 -0.32 -30.20
C VAL A 299 -2.37 -0.99 -31.47
N GLN A 300 -1.23 -0.50 -31.96
CA GLN A 300 -0.52 -1.16 -33.05
C GLN A 300 1.00 -1.23 -32.84
N ALA A 301 1.58 -2.36 -33.23
CA ALA A 301 3.02 -2.51 -33.21
C ALA A 301 3.64 -1.69 -34.34
N VAL A 302 4.69 -0.94 -34.02
CA VAL A 302 5.44 -0.16 -35.02
C VAL A 302 6.59 -1.02 -35.54
N GLY A 303 7.24 -1.76 -34.64
CA GLY A 303 8.29 -2.70 -34.99
C GLY A 303 8.03 -4.14 -34.57
N TRP A 304 9.10 -4.94 -34.43
CA TRP A 304 8.98 -6.30 -33.93
C TRP A 304 9.13 -6.33 -32.40
N CYS A 305 8.14 -6.88 -31.69
CA CYS A 305 8.19 -6.94 -30.22
C CYS A 305 7.22 -7.96 -29.58
N ASN A 306 7.40 -8.18 -28.28
CA ASN A 306 6.42 -8.89 -27.44
C ASN A 306 5.86 -7.93 -26.38
N ASN A 307 4.66 -8.22 -25.88
CA ASN A 307 4.07 -7.48 -24.74
C ASN A 307 3.49 -8.45 -23.71
N ILE A 308 3.37 -8.00 -22.45
CA ILE A 308 2.63 -8.73 -21.41
C ILE A 308 1.59 -7.82 -20.76
N ALA A 309 0.48 -8.39 -20.31
CA ALA A 309 -0.60 -7.57 -19.75
C ALA A 309 -1.51 -8.37 -18.82
N TRP A 310 -2.19 -7.65 -17.93
CA TRP A 310 -3.15 -8.24 -16.99
C TRP A 310 -4.01 -7.11 -16.43
N ASN A 311 -4.99 -7.43 -15.58
CA ASN A 311 -5.83 -6.40 -14.97
C ASN A 311 -5.56 -6.20 -13.48
N VAL A 312 -6.00 -5.05 -12.96
CA VAL A 312 -5.89 -4.71 -11.54
C VAL A 312 -7.14 -3.91 -11.16
N GLY A 313 -7.68 -4.14 -9.96
CA GLY A 313 -8.80 -3.37 -9.47
C GLY A 313 -8.50 -2.61 -8.19
N PRO A 314 -8.11 -1.32 -8.31
CA PRO A 314 -7.85 -0.46 -7.16
C PRO A 314 -9.10 -0.31 -6.29
N LEU A 315 -8.92 -0.19 -4.98
CA LEU A 315 -10.01 0.05 -4.04
C LEU A 315 -10.46 1.49 -4.00
N THR A 316 -11.13 1.96 -5.06
CA THR A 316 -11.65 3.32 -5.12
C THR A 316 -13.12 3.29 -5.47
N ALA A 317 -13.85 4.33 -5.07
CA ALA A 317 -15.26 4.45 -5.48
C ALA A 317 -15.40 4.44 -7.01
N CYS A 318 -14.46 5.08 -7.70
CA CYS A 318 -14.50 5.13 -9.15
C CYS A 318 -14.43 3.74 -9.79
N GLN A 319 -13.49 2.91 -9.35
CA GLN A 319 -13.37 1.57 -9.92
C GLN A 319 -14.61 0.70 -9.66
N TYR A 320 -15.10 0.70 -8.43
CA TYR A 320 -16.26 -0.12 -8.07
C TYR A 320 -17.49 0.31 -8.86
N LYS A 321 -17.70 1.62 -8.93
CA LYS A 321 -18.82 2.19 -9.68
C LYS A 321 -18.81 1.79 -11.15
N LEU A 322 -17.67 1.93 -11.84
CA LEU A 322 -17.63 1.61 -13.29
C LEU A 322 -17.74 0.09 -13.55
N ALA A 323 -17.22 -0.71 -12.61
CA ALA A 323 -17.33 -2.17 -12.70
C ALA A 323 -18.78 -2.62 -12.59
N VAL A 324 -19.51 -2.05 -11.64
CA VAL A 324 -20.92 -2.39 -11.47
C VAL A 324 -21.74 -1.95 -12.69
N GLU A 325 -21.47 -0.74 -13.21
CA GLU A 325 -22.16 -0.22 -14.38
C GLU A 325 -22.04 -1.14 -15.60
N ARG A 326 -20.81 -1.57 -15.90
CA ARG A 326 -20.57 -2.45 -17.05
C ARG A 326 -21.19 -3.83 -16.82
N TYR A 327 -21.18 -4.29 -15.57
CA TYR A 327 -21.82 -5.55 -15.17
C TYR A 327 -23.31 -5.56 -15.54
N GLU A 328 -23.99 -4.45 -15.27
CA GLU A 328 -25.41 -4.35 -15.57
C GLU A 328 -25.66 -4.14 -17.07
N TRP A 329 -24.80 -3.33 -17.70
CA TRP A 329 -24.90 -3.11 -19.13
C TRP A 329 -24.70 -4.41 -19.91
N ASN A 330 -23.77 -5.27 -19.47
CA ASN A 330 -23.56 -6.55 -20.14
C ASN A 330 -24.82 -7.44 -20.14
N LYS A 331 -25.65 -7.34 -19.09
CA LYS A 331 -26.91 -8.11 -19.05
C LYS A 331 -27.86 -7.67 -20.15
N LEU A 332 -28.03 -6.36 -20.29
CA LEU A 332 -28.87 -5.81 -21.34
C LEU A 332 -28.40 -6.23 -22.75
N LYS A 333 -27.09 -6.33 -22.93
CA LYS A 333 -26.52 -6.65 -24.25
C LYS A 333 -26.31 -8.15 -24.48
N SER A 334 -26.78 -8.96 -23.55
CA SER A 334 -26.58 -10.42 -23.57
C SER A 334 -25.13 -10.87 -23.70
N VAL A 335 -24.24 -10.26 -22.91
CA VAL A 335 -22.82 -10.62 -22.87
C VAL A 335 -22.42 -11.06 -21.47
N LYS A 336 -21.63 -12.13 -21.38
CA LYS A 336 -21.16 -12.60 -20.07
C LYS A 336 -20.17 -11.63 -19.42
N SER A 337 -20.32 -11.40 -18.11
CA SER A 337 -19.31 -10.68 -17.30
C SER A 337 -18.29 -11.64 -16.69
N PRO A 338 -17.01 -11.53 -17.09
CA PRO A 338 -15.96 -12.37 -16.50
C PRO A 338 -15.76 -12.14 -15.01
N VAL A 339 -16.06 -10.95 -14.51
CA VAL A 339 -15.99 -10.68 -13.07
C VAL A 339 -17.36 -10.83 -12.41
N PRO A 340 -17.49 -11.76 -11.45
CA PRO A 340 -18.80 -11.96 -10.79
C PRO A 340 -19.01 -10.94 -9.66
N MET A 341 -19.65 -9.82 -9.96
CA MET A 341 -19.65 -8.69 -9.04
C MET A 341 -20.48 -8.93 -7.77
N VAL A 342 -21.42 -9.87 -7.81
CA VAL A 342 -22.16 -10.19 -6.57
C VAL A 342 -21.27 -10.96 -5.60
N HIS A 343 -20.69 -12.05 -6.09
CA HIS A 343 -19.69 -12.80 -5.33
C HIS A 343 -18.61 -11.89 -4.73
N LEU A 344 -18.11 -10.95 -5.54
CA LEU A 344 -17.02 -10.06 -5.12
C LEU A 344 -17.47 -9.10 -4.03
N SER A 345 -18.68 -8.59 -4.17
CA SER A 345 -19.21 -7.64 -3.21
C SER A 345 -19.33 -8.25 -1.79
N TRP A 346 -19.78 -9.52 -1.72
CA TRP A 346 -19.86 -10.21 -0.43
C TRP A 346 -18.46 -10.44 0.15
N ASN A 347 -17.51 -10.84 -0.69
CA ASN A 347 -16.13 -11.01 -0.23
C ASN A 347 -15.51 -9.73 0.33
N MET A 348 -15.76 -8.59 -0.32
CA MET A 348 -15.31 -7.29 0.16
C MET A 348 -15.90 -7.01 1.56
N ALA A 349 -17.20 -7.26 1.70
CA ALA A 349 -17.88 -6.97 2.96
C ALA A 349 -17.40 -7.91 4.08
N ARG A 350 -17.05 -9.13 3.71
CA ARG A 350 -16.55 -10.10 4.68
C ARG A 350 -15.11 -9.77 5.14
N ASN A 351 -14.27 -9.36 4.19
CA ASN A 351 -12.81 -9.35 4.39
C ASN A 351 -12.06 -8.01 4.26
N ILE A 352 -12.75 -6.94 3.89
CA ILE A 352 -12.03 -5.70 3.62
C ILE A 352 -12.58 -4.54 4.46
N LYS A 353 -11.69 -3.85 5.14
CA LYS A 353 -12.10 -2.67 5.90
C LYS A 353 -12.12 -1.48 4.97
N VAL A 354 -13.28 -0.89 4.81
CA VAL A 354 -13.48 0.20 3.85
C VAL A 354 -13.59 1.53 4.59
N SER A 355 -12.67 2.45 4.32
CA SER A 355 -12.61 3.72 5.04
C SER A 355 -13.04 4.92 4.21
N ASP A 356 -13.21 4.74 2.90
CA ASP A 356 -13.77 5.80 2.05
C ASP A 356 -15.30 5.79 2.10
N PRO A 357 -15.90 6.89 2.58
CA PRO A 357 -17.36 6.97 2.74
C PRO A 357 -18.13 6.79 1.44
N LYS A 358 -17.64 7.29 0.31
CA LYS A 358 -18.37 7.11 -0.94
C LYS A 358 -18.37 5.65 -1.36
N LEU A 359 -17.19 5.04 -1.35
CA LEU A 359 -17.06 3.62 -1.69
C LEU A 359 -17.90 2.74 -0.74
N PHE A 360 -17.85 3.04 0.55
CA PHE A 360 -18.61 2.26 1.53
C PHE A 360 -20.11 2.29 1.23
N GLU A 361 -20.63 3.46 0.87
CA GLU A 361 -22.06 3.61 0.60
C GLU A 361 -22.48 2.87 -0.67
N MET A 362 -21.60 2.84 -1.67
CA MET A 362 -21.87 2.09 -2.91
C MET A 362 -22.02 0.59 -2.64
N ILE A 363 -21.09 0.02 -1.87
CA ILE A 363 -21.10 -1.41 -1.54
C ILE A 363 -22.30 -1.78 -0.67
N LYS A 364 -22.54 -0.98 0.36
CA LYS A 364 -23.67 -1.19 1.26
C LYS A 364 -24.99 -1.20 0.46
N TYR A 365 -25.14 -0.23 -0.45
CA TYR A 365 -26.32 -0.13 -1.30
C TYR A 365 -26.52 -1.39 -2.14
N CYS A 366 -25.44 -1.88 -2.75
CA CYS A 366 -25.52 -3.06 -3.58
C CYS A 366 -25.90 -4.30 -2.77
N LEU A 367 -25.31 -4.46 -1.58
CA LEU A 367 -25.61 -5.65 -0.77
C LEU A 367 -27.08 -5.66 -0.35
N LEU A 368 -27.59 -4.48 -0.01
CA LEU A 368 -28.97 -4.35 0.39
C LEU A 368 -29.88 -4.77 -0.75
N LYS A 369 -29.54 -4.39 -1.98
CA LYS A 369 -30.33 -4.79 -3.14
C LYS A 369 -30.32 -6.31 -3.37
N ILE A 370 -29.14 -6.91 -3.30
CA ILE A 370 -29.02 -8.36 -3.42
C ILE A 370 -29.87 -9.08 -2.37
N LEU A 371 -29.78 -8.58 -1.14
CA LEU A 371 -30.45 -9.20 0.00
C LEU A 371 -31.97 -9.15 -0.19
N LYS A 372 -32.50 -8.02 -0.61
CA LYS A 372 -33.95 -7.86 -0.81
C LYS A 372 -34.46 -8.71 -1.97
N GLN A 373 -33.74 -8.72 -3.09
CA GLN A 373 -34.14 -9.57 -4.22
C GLN A 373 -34.17 -11.04 -3.81
N TYR A 374 -33.12 -11.46 -3.09
CA TYR A 374 -33.01 -12.83 -2.60
C TYR A 374 -34.17 -13.18 -1.65
N GLN A 375 -34.51 -12.27 -0.74
CA GLN A 375 -35.64 -12.44 0.18
C GLN A 375 -36.98 -12.57 -0.53
N THR A 376 -37.17 -11.75 -1.56
CA THR A 376 -38.40 -11.75 -2.34
C THR A 376 -38.61 -13.07 -3.06
N LEU A 377 -37.57 -13.51 -3.78
CA LEU A 377 -37.62 -14.76 -4.50
C LEU A 377 -37.84 -15.95 -3.56
N ARG A 378 -37.08 -16.02 -2.47
CA ARG A 378 -37.18 -17.13 -1.53
C ARG A 378 -38.61 -17.26 -0.98
N GLU A 379 -39.22 -16.15 -0.57
CA GLU A 379 -40.59 -16.20 -0.03
C GLU A 379 -41.64 -16.56 -1.07
N ALA A 380 -41.37 -16.23 -2.33
CA ALA A 380 -42.29 -16.58 -3.41
C ALA A 380 -42.27 -18.08 -3.63
N LEU A 381 -41.06 -18.65 -3.62
CA LEU A 381 -40.91 -20.10 -3.71
C LEU A 381 -41.59 -20.81 -2.53
N VAL A 382 -41.33 -20.37 -1.31
CA VAL A 382 -41.93 -21.03 -0.14
C VAL A 382 -43.46 -20.91 -0.14
N ALA A 383 -43.98 -19.75 -0.52
CA ALA A 383 -45.42 -19.54 -0.55
C ALA A 383 -46.12 -20.43 -1.60
N ALA A 384 -45.37 -20.86 -2.60
CA ALA A 384 -45.92 -21.70 -3.66
C ALA A 384 -45.67 -23.18 -3.43
N GLY A 385 -45.26 -23.55 -2.22
CA GLY A 385 -45.02 -24.94 -1.87
C GLY A 385 -43.75 -25.58 -2.46
N LYS A 386 -42.78 -24.77 -2.85
CA LYS A 386 -41.53 -25.30 -3.41
C LYS A 386 -40.46 -25.46 -2.32
N GLU A 387 -39.94 -26.68 -2.18
CA GLU A 387 -38.88 -26.98 -1.21
C GLU A 387 -37.56 -26.29 -1.54
N VAL A 388 -37.03 -25.55 -0.57
CA VAL A 388 -35.66 -25.06 -0.67
C VAL A 388 -34.72 -26.05 0.02
N ILE A 389 -33.79 -26.64 -0.73
CA ILE A 389 -32.90 -27.67 -0.19
C ILE A 389 -31.54 -27.09 0.24
N TRP A 390 -31.11 -27.41 1.45
CA TRP A 390 -29.83 -26.92 1.95
C TRP A 390 -28.69 -27.65 1.27
N HIS A 391 -27.81 -26.90 0.61
CA HIS A 391 -26.79 -27.49 -0.24
C HIS A 391 -25.38 -27.11 0.24
N GLY A 392 -25.22 -25.86 0.69
CA GLY A 392 -23.97 -25.41 1.27
C GLY A 392 -22.93 -25.10 0.22
N ARG A 393 -21.67 -25.08 0.62
CA ARG A 393 -20.62 -24.67 -0.29
C ARG A 393 -19.22 -25.08 0.18
N THR A 394 -18.35 -25.38 -0.78
CA THR A 394 -16.91 -25.49 -0.52
C THR A 394 -16.24 -24.12 -0.51
N ASN A 395 -15.25 -23.91 0.36
CA ASN A 395 -14.56 -22.63 0.32
C ASN A 395 -13.71 -22.57 -0.96
N ASP A 396 -13.47 -21.34 -1.42
CA ASP A 396 -12.70 -21.07 -2.64
C ASP A 396 -13.41 -21.57 -3.89
N GLU A 397 -14.65 -22.02 -3.73
CA GLU A 397 -15.49 -22.43 -4.85
C GLU A 397 -15.88 -21.19 -5.63
N PRO A 398 -15.65 -21.22 -6.94
CA PRO A 398 -15.95 -20.05 -7.79
C PRO A 398 -17.42 -19.69 -7.80
N ALA A 399 -17.73 -18.48 -8.25
CA ALA A 399 -19.11 -18.07 -8.47
C ALA A 399 -19.73 -18.91 -9.59
N HIS A 400 -21.06 -18.98 -9.63
CA HIS A 400 -21.72 -19.75 -10.65
C HIS A 400 -22.40 -18.85 -11.68
N TYR A 401 -22.47 -19.32 -12.91
CA TYR A 401 -23.21 -18.63 -13.97
C TYR A 401 -24.27 -19.58 -14.58
N CYS A 402 -25.34 -19.02 -15.13
CA CYS A 402 -26.42 -19.80 -15.76
C CYS A 402 -25.98 -20.54 -17.04
N SER A 403 -26.12 -21.86 -17.04
CA SER A 403 -25.65 -22.67 -18.17
C SER A 403 -26.33 -22.34 -19.48
N ILE A 404 -27.44 -21.61 -19.43
CA ILE A 404 -28.11 -21.21 -20.65
C ILE A 404 -27.80 -19.75 -21.03
N CYS A 405 -28.06 -18.81 -20.12
CA CYS A 405 -27.97 -17.39 -20.47
C CYS A 405 -26.69 -16.71 -19.95
N GLU A 406 -25.92 -17.44 -19.15
CA GLU A 406 -24.64 -17.00 -18.62
C GLU A 406 -24.65 -15.81 -17.64
N VAL A 407 -25.81 -15.44 -17.10
CA VAL A 407 -25.86 -14.47 -16.00
C VAL A 407 -25.27 -15.09 -14.75
N GLU A 408 -24.70 -14.28 -13.85
CA GLU A 408 -24.26 -14.80 -12.52
C GLU A 408 -25.46 -15.27 -11.72
N VAL A 409 -25.30 -16.40 -11.02
CA VAL A 409 -26.37 -16.91 -10.15
C VAL A 409 -25.82 -17.03 -8.74
N PHE A 410 -26.47 -16.38 -7.79
CA PHE A 410 -25.97 -16.36 -6.41
C PHE A 410 -26.93 -16.98 -5.42
N ASN A 411 -26.41 -17.93 -4.65
CA ASN A 411 -27.07 -18.57 -3.51
C ASN A 411 -28.18 -19.58 -3.88
N LEU A 412 -29.27 -19.10 -4.45
CA LEU A 412 -30.34 -20.02 -4.85
C LEU A 412 -30.03 -20.52 -6.26
N LEU A 413 -29.66 -21.80 -6.34
CA LEU A 413 -29.30 -22.44 -7.61
C LEU A 413 -30.43 -23.32 -8.14
N PHE A 414 -30.71 -23.24 -9.42
CA PHE A 414 -31.78 -24.06 -10.03
C PHE A 414 -31.19 -25.20 -10.86
N VAL A 415 -31.41 -26.43 -10.39
CA VAL A 415 -30.84 -27.65 -10.97
C VAL A 415 -31.97 -28.64 -11.30
N THR A 416 -31.89 -29.33 -12.45
CA THR A 416 -32.92 -30.31 -12.85
C THR A 416 -32.95 -31.52 -11.93
N ASN A 417 -34.10 -32.19 -11.84
CA ASN A 417 -34.20 -33.41 -11.02
C ASN A 417 -33.09 -34.40 -11.36
N GLU A 418 -32.84 -34.55 -12.65
CA GLU A 418 -31.89 -35.53 -13.14
C GLU A 418 -30.44 -35.14 -12.83
N SER A 419 -30.08 -33.87 -13.04
CA SER A 419 -28.73 -33.40 -12.75
C SER A 419 -28.45 -33.46 -11.24
N ASN A 420 -29.51 -33.27 -10.45
CA ASN A 420 -29.41 -33.39 -9.00
C ASN A 420 -29.06 -34.81 -8.57
N THR A 421 -29.84 -35.79 -9.00
CA THR A 421 -29.60 -37.19 -8.68
C THR A 421 -28.22 -37.65 -9.13
N GLN A 422 -27.80 -37.23 -10.32
CA GLN A 422 -26.52 -37.62 -10.88
C GLN A 422 -25.36 -36.86 -10.23
N LYS A 423 -25.70 -35.87 -9.39
CA LYS A 423 -24.73 -35.02 -8.69
C LYS A 423 -23.83 -34.26 -9.67
N THR A 424 -24.43 -33.79 -10.77
CA THR A 424 -23.71 -32.93 -11.71
C THR A 424 -23.98 -31.45 -11.41
N TYR A 425 -25.13 -31.18 -10.79
CA TYR A 425 -25.48 -29.84 -10.31
C TYR A 425 -25.28 -28.72 -11.36
N ILE A 426 -25.84 -28.90 -12.55
CA ILE A 426 -25.73 -27.92 -13.62
C ILE A 426 -26.64 -26.71 -13.37
N VAL A 427 -26.01 -25.55 -13.13
CA VAL A 427 -26.72 -24.38 -12.60
C VAL A 427 -27.57 -23.66 -13.64
N HIS A 428 -28.77 -23.29 -13.20
CA HIS A 428 -29.64 -22.43 -13.99
C HIS A 428 -30.05 -21.24 -13.12
N CYS A 429 -30.33 -20.11 -13.75
CA CYS A 429 -31.01 -19.01 -13.06
C CYS A 429 -32.50 -19.30 -13.02
N HIS A 430 -33.22 -18.53 -12.20
CA HIS A 430 -34.65 -18.72 -12.01
C HIS A 430 -35.45 -18.50 -13.31
N ASP A 431 -35.08 -17.48 -14.07
CA ASP A 431 -35.83 -17.13 -15.29
C ASP A 431 -35.72 -18.23 -16.34
N CYS A 432 -34.51 -18.74 -16.53
CA CYS A 432 -34.31 -19.83 -17.50
C CYS A 432 -34.99 -21.14 -17.06
N ALA A 433 -34.94 -21.43 -15.76
CA ALA A 433 -35.60 -22.62 -15.23
C ALA A 433 -37.11 -22.55 -15.46
N ARG A 434 -37.70 -21.39 -15.13
CA ARG A 434 -39.13 -21.14 -15.39
C ARG A 434 -39.55 -21.27 -16.85
N LYS A 435 -38.78 -20.64 -17.76
CA LYS A 435 -39.09 -20.68 -19.18
C LYS A 435 -39.16 -22.10 -19.69
N THR A 436 -38.36 -22.98 -19.10
CA THR A 436 -38.36 -24.41 -19.44
C THR A 436 -39.50 -25.19 -18.79
N SER A 437 -39.67 -24.98 -17.49
CA SER A 437 -40.57 -25.78 -16.66
C SER A 437 -41.48 -24.85 -15.87
N LYS A 438 -42.72 -24.69 -16.35
CA LYS A 438 -43.63 -23.64 -15.90
C LYS A 438 -43.87 -23.53 -14.39
N SER A 439 -43.98 -24.66 -13.67
CA SER A 439 -44.18 -24.63 -12.22
C SER A 439 -42.94 -25.10 -11.46
N LEU A 440 -41.81 -25.08 -12.16
CA LEU A 440 -40.54 -25.60 -11.66
C LEU A 440 -40.60 -27.07 -11.30
N GLU A 441 -41.56 -27.81 -11.90
CA GLU A 441 -41.73 -29.22 -11.56
C GLU A 441 -40.54 -30.09 -11.98
N ASN A 442 -39.77 -29.63 -12.95
CA ASN A 442 -38.57 -30.35 -13.39
C ASN A 442 -37.30 -29.98 -12.63
N PHE A 443 -37.41 -29.07 -11.66
CA PHE A 443 -36.21 -28.55 -10.96
C PHE A 443 -36.25 -28.75 -9.43
N VAL A 444 -35.07 -28.74 -8.80
CA VAL A 444 -35.00 -28.55 -7.35
C VAL A 444 -34.31 -27.20 -7.07
N VAL A 445 -34.58 -26.62 -5.90
CA VAL A 445 -33.95 -25.35 -5.54
C VAL A 445 -32.91 -25.54 -4.45
N LEU A 446 -31.65 -25.26 -4.77
CA LEU A 446 -30.56 -25.44 -3.82
C LEU A 446 -30.13 -24.10 -3.21
N GLU A 447 -29.83 -24.12 -1.92
CA GLU A 447 -29.44 -22.91 -1.18
C GLU A 447 -28.03 -23.08 -0.63
N GLN A 448 -27.16 -22.13 -0.92
CA GLN A 448 -25.74 -22.22 -0.55
C GLN A 448 -25.38 -21.42 0.72
N TYR A 449 -26.23 -20.46 1.08
CA TYR A 449 -26.02 -19.65 2.27
C TYR A 449 -27.31 -19.50 3.08
N LYS A 450 -27.23 -19.63 4.40
CA LYS A 450 -28.40 -19.36 5.24
C LYS A 450 -28.66 -17.85 5.26
N MET A 451 -29.92 -17.48 5.43
N MET A 451 -29.93 -17.51 5.40
CA MET A 451 -30.27 -16.06 5.37
CA MET A 451 -30.35 -16.12 5.43
C MET A 451 -29.73 -15.28 6.57
C MET A 451 -29.66 -15.36 6.55
N GLU A 452 -29.84 -15.85 7.78
CA GLU A 452 -29.33 -15.19 8.99
C GLU A 452 -27.86 -14.81 8.85
N ASP A 453 -27.11 -15.71 8.24
CA ASP A 453 -25.69 -15.55 8.02
C ASP A 453 -25.35 -14.40 7.06
N LEU A 454 -26.11 -14.24 5.97
CA LEU A 454 -25.87 -13.13 5.05
C LEU A 454 -26.28 -11.79 5.72
N ILE A 455 -27.38 -11.83 6.47
CA ILE A 455 -27.82 -10.68 7.25
C ILE A 455 -26.74 -10.22 8.23
N GLN A 456 -26.11 -11.19 8.87
CA GLN A 456 -25.02 -10.92 9.81
C GLN A 456 -23.87 -10.18 9.14
N VAL A 457 -23.38 -10.73 8.03
CA VAL A 457 -22.29 -10.11 7.28
C VAL A 457 -22.61 -8.68 6.89
N TYR A 458 -23.82 -8.47 6.41
CA TYR A 458 -24.28 -7.14 6.03
C TYR A 458 -24.30 -6.20 7.24
N ASP A 459 -24.87 -6.68 8.35
CA ASP A 459 -25.00 -5.85 9.56
C ASP A 459 -23.64 -5.48 10.15
N GLN A 460 -22.69 -6.40 10.11
CA GLN A 460 -21.36 -6.16 10.66
C GLN A 460 -20.47 -5.37 9.72
N PHE A 461 -20.98 -5.03 8.54
CA PHE A 461 -20.19 -4.30 7.56
C PHE A 461 -20.35 -2.80 7.81
N THR A 462 -19.35 -2.20 8.46
CA THR A 462 -19.40 -0.77 8.82
C THR A 462 -18.18 0.02 8.36
N LEU A 463 -18.34 1.34 8.30
CA LEU A 463 -17.28 2.24 7.85
C LEU A 463 -16.13 2.32 8.86
N ALA A 464 -14.94 1.92 8.41
CA ALA A 464 -13.73 2.04 9.22
C ALA A 464 -13.19 3.47 9.23
N LEU A 465 -12.63 3.88 10.35
CA LEU A 465 -11.97 5.19 10.43
C LEU A 465 -10.55 5.15 9.87
N SER A 466 -10.28 6.02 8.90
CA SER A 466 -8.89 6.29 8.51
C SER A 466 -8.63 7.80 8.50
N LEU A 467 -7.47 8.20 9.00
CA LEU A 467 -7.13 9.62 9.00
C LEU A 467 -6.43 10.09 7.72
N SER A 468 -6.15 9.17 6.80
CA SER A 468 -5.44 9.52 5.56
C SER A 468 -6.31 10.38 4.66
N ASP B 5 30.48 11.78 -4.21
CA ASP B 5 29.53 10.84 -4.79
C ASP B 5 28.13 11.02 -4.19
N LYS B 6 27.11 10.99 -5.05
CA LYS B 6 25.75 11.23 -4.61
C LYS B 6 25.19 10.11 -3.72
N LEU B 7 25.84 8.96 -3.70
CA LEU B 7 25.43 7.87 -2.83
C LEU B 7 26.15 7.92 -1.47
N ASN B 8 27.17 8.75 -1.38
N ASN B 8 27.18 8.75 -1.40
CA ASN B 8 27.87 8.95 -0.11
CA ASN B 8 27.93 8.99 -0.17
C ASN B 8 27.94 10.43 0.25
C ASN B 8 27.95 10.49 0.16
N PRO B 9 26.79 11.05 0.51
CA PRO B 9 26.69 12.51 0.68
C PRO B 9 27.26 13.02 2.00
N PRO B 10 27.62 14.30 2.06
CA PRO B 10 28.13 14.89 3.30
C PRO B 10 27.02 15.01 4.34
N THR B 11 27.39 15.01 5.61
CA THR B 11 26.42 15.13 6.69
C THR B 11 26.11 16.59 6.98
N PRO B 12 24.82 16.96 6.98
CA PRO B 12 24.43 18.31 7.39
C PRO B 12 24.90 18.57 8.81
N SER B 13 25.69 19.63 8.96
CA SER B 13 26.37 19.91 10.21
C SER B 13 26.27 21.37 10.68
N ILE B 14 26.41 21.54 11.98
CA ILE B 14 26.41 22.83 12.62
C ILE B 14 27.58 22.82 13.57
N TYR B 15 28.46 23.82 13.46
CA TYR B 15 29.63 23.92 14.34
C TYR B 15 29.41 25.04 15.36
N LEU B 16 29.28 24.69 16.63
CA LEU B 16 29.04 25.67 17.70
C LEU B 16 30.32 26.03 18.44
N GLU B 17 30.47 27.30 18.79
CA GLU B 17 31.62 27.78 19.55
C GLU B 17 31.23 28.21 20.98
N ASN B 18 30.03 28.77 21.15
CA ASN B 18 29.61 29.32 22.44
C ASN B 18 28.10 29.21 22.68
N LYS B 19 27.63 29.59 23.87
CA LYS B 19 26.22 29.42 24.24
C LYS B 19 25.24 30.22 23.37
N ARG B 20 25.72 31.36 22.87
CA ARG B 20 24.90 32.24 22.03
C ARG B 20 24.47 31.51 20.75
N ASP B 21 25.42 30.80 20.15
CA ASP B 21 25.18 30.04 18.93
C ASP B 21 24.01 29.06 19.06
N ALA B 22 23.90 28.41 20.21
CA ALA B 22 22.90 27.36 20.42
C ALA B 22 21.46 27.87 20.40
N PHE B 23 21.26 29.13 20.77
CA PHE B 23 19.89 29.65 20.84
C PHE B 23 19.52 30.47 19.60
N PHE B 24 20.45 30.50 18.66
CA PHE B 24 20.24 31.12 17.35
C PHE B 24 19.08 30.47 16.61
N PRO B 25 18.00 31.23 16.36
CA PRO B 25 16.77 30.70 15.73
C PRO B 25 16.94 29.97 14.38
N PRO B 26 17.88 30.41 13.50
CA PRO B 26 18.09 29.58 12.31
C PRO B 26 18.56 28.15 12.61
N LEU B 27 19.04 27.89 13.83
CA LEU B 27 19.43 26.53 14.20
C LEU B 27 18.20 25.62 14.19
N HIS B 28 17.13 26.09 14.82
CA HIS B 28 15.82 25.42 14.80
C HIS B 28 15.28 25.19 13.37
N GLN B 29 15.30 26.23 12.55
CA GLN B 29 14.90 26.15 11.13
C GLN B 29 15.68 25.11 10.33
N PHE B 30 16.99 25.08 10.52
CA PHE B 30 17.87 24.15 9.81
C PHE B 30 17.56 22.69 10.14
N CYS B 31 17.39 22.42 11.43
CA CYS B 31 17.16 21.07 11.89
C CYS B 31 15.82 20.51 11.35
N THR B 32 14.78 21.33 11.31
CA THR B 32 13.44 20.85 10.94
C THR B 32 13.16 20.90 9.43
N ASN B 33 14.12 21.38 8.65
CA ASN B 33 14.01 21.40 7.21
C ASN B 33 14.04 19.99 6.61
N PRO B 34 12.93 19.58 5.95
CA PRO B 34 12.77 18.24 5.38
C PRO B 34 13.91 17.85 4.44
N LYS B 35 14.63 18.83 3.87
CA LYS B 35 15.76 18.56 2.99
C LYS B 35 16.98 17.97 3.74
N ASN B 36 17.05 18.18 5.05
CA ASN B 36 18.13 17.57 5.84
C ASN B 36 17.59 16.37 6.64
N PRO B 37 17.88 15.14 6.18
CA PRO B 37 17.38 13.92 6.86
C PRO B 37 17.92 13.76 8.29
N VAL B 38 19.10 14.32 8.54
CA VAL B 38 19.76 14.29 9.85
C VAL B 38 20.63 15.54 10.00
N THR B 39 20.73 16.08 11.22
CA THR B 39 21.65 17.18 11.53
C THR B 39 22.53 16.85 12.73
N VAL B 40 23.83 17.03 12.60
CA VAL B 40 24.72 16.82 13.73
C VAL B 40 25.20 18.17 14.26
N ILE B 41 24.88 18.46 15.52
CA ILE B 41 25.27 19.69 16.16
C ILE B 41 26.57 19.48 16.97
N ARG B 42 27.70 19.85 16.36
CA ARG B 42 29.02 19.58 16.93
C ARG B 42 29.31 20.55 18.07
N GLY B 43 29.77 20.02 19.20
CA GLY B 43 30.19 20.84 20.34
C GLY B 43 29.05 21.38 21.18
N LEU B 44 27.89 20.75 21.07
CA LEU B 44 26.68 21.23 21.74
C LEU B 44 26.81 21.31 23.27
N ALA B 45 27.25 20.21 23.89
CA ALA B 45 27.29 20.15 25.35
C ALA B 45 28.32 21.13 25.93
N GLY B 46 29.47 21.24 25.26
CA GLY B 46 30.51 22.18 25.64
C GLY B 46 30.06 23.62 25.56
N ALA B 47 29.35 23.95 24.49
CA ALA B 47 28.82 25.29 24.26
C ALA B 47 27.82 25.75 25.31
N LEU B 48 27.01 24.82 25.81
CA LEU B 48 25.98 25.14 26.80
C LEU B 48 26.51 24.93 28.22
N LYS B 49 27.74 24.42 28.32
CA LYS B 49 28.30 23.98 29.59
C LYS B 49 27.38 22.95 30.27
N LEU B 50 26.92 21.98 29.49
CA LEU B 50 26.17 20.85 30.02
C LEU B 50 27.10 19.90 30.78
N ASP B 51 26.71 19.50 31.99
CA ASP B 51 27.57 18.58 32.77
C ASP B 51 27.27 17.12 32.41
N LEU B 52 28.09 16.57 31.51
CA LEU B 52 27.91 15.22 31.02
C LEU B 52 28.23 14.18 32.10
N GLY B 53 29.02 14.56 33.10
CA GLY B 53 29.35 13.65 34.20
C GLY B 53 28.13 13.18 34.99
N LEU B 54 27.05 13.93 34.89
CA LEU B 54 25.83 13.58 35.56
C LEU B 54 25.23 12.28 34.98
N PHE B 55 25.72 11.88 33.82
CA PHE B 55 25.27 10.66 33.14
C PHE B 55 26.40 9.64 33.01
N SER B 56 27.51 9.87 33.70
CA SER B 56 28.61 8.89 33.69
C SER B 56 28.15 7.62 34.38
N THR B 57 28.78 6.49 34.05
CA THR B 57 28.42 5.20 34.64
C THR B 57 28.64 5.25 36.16
N LYS B 58 29.73 5.89 36.58
CA LYS B 58 30.04 6.08 38.00
C LYS B 58 28.90 6.77 38.75
N THR B 59 28.45 7.89 38.19
CA THR B 59 27.34 8.65 38.77
C THR B 59 26.02 7.85 38.76
N LEU B 60 25.77 7.09 37.70
CA LEU B 60 24.50 6.35 37.61
C LEU B 60 24.43 5.23 38.67
N VAL B 61 25.53 4.50 38.86
CA VAL B 61 25.60 3.47 39.88
C VAL B 61 25.31 4.02 41.29
N GLU B 62 25.91 5.15 41.62
CA GLU B 62 25.68 5.76 42.94
C GLU B 62 24.22 6.18 43.15
N ALA B 63 23.59 6.72 42.12
CA ALA B 63 22.21 7.23 42.24
C ALA B 63 21.14 6.14 42.40
N ASN B 64 21.18 5.12 41.54
CA ASN B 64 20.15 4.08 41.49
C ASN B 64 20.76 2.77 41.06
N ASN B 65 21.46 2.09 41.96
CA ASN B 65 22.28 0.95 41.55
C ASN B 65 21.46 -0.28 41.13
N GLU B 66 20.22 -0.38 41.58
CA GLU B 66 19.39 -1.53 41.23
C GLU B 66 18.41 -1.28 40.07
N HIS B 67 18.58 -0.15 39.36
CA HIS B 67 17.63 0.24 38.29
C HIS B 67 17.70 -0.77 37.14
N MET B 68 16.55 -1.03 36.49
CA MET B 68 16.50 -2.08 35.47
C MET B 68 17.16 -1.66 34.17
N VAL B 69 17.85 -2.61 33.56
CA VAL B 69 18.51 -2.45 32.27
C VAL B 69 18.07 -3.58 31.35
N GLU B 70 17.57 -3.26 30.16
CA GLU B 70 17.31 -4.29 29.15
C GLU B 70 18.60 -4.63 28.42
N VAL B 71 18.98 -5.91 28.41
CA VAL B 71 20.22 -6.35 27.75
C VAL B 71 19.98 -7.03 26.41
N ARG B 72 20.67 -6.56 25.38
CA ARG B 72 20.73 -7.29 24.13
C ARG B 72 22.09 -8.01 24.05
N THR B 73 22.06 -9.32 23.83
CA THR B 73 23.30 -10.07 23.64
C THR B 73 23.54 -10.27 22.15
N GLN B 74 24.68 -9.77 21.66
CA GLN B 74 24.96 -9.74 20.23
C GLN B 74 26.30 -10.37 19.88
N LEU B 75 26.55 -10.54 18.57
CA LEU B 75 27.84 -10.96 18.08
C LEU B 75 28.65 -9.72 17.69
N LEU B 76 29.95 -9.72 17.98
CA LEU B 76 30.83 -8.60 17.61
C LEU B 76 31.20 -8.65 16.12
N GLN B 77 30.58 -7.80 15.31
CA GLN B 77 30.80 -7.85 13.86
C GLN B 77 31.92 -6.88 13.41
N PRO B 78 32.58 -7.20 12.29
CA PRO B 78 33.65 -6.36 11.75
C PRO B 78 33.16 -5.10 11.03
N ALA B 79 33.76 -3.97 11.38
CA ALA B 79 33.52 -2.68 10.73
C ALA B 79 32.01 -2.40 10.55
N ASP B 80 31.58 -2.29 9.29
CA ASP B 80 30.21 -1.90 8.97
C ASP B 80 29.37 -3.06 8.44
N GLU B 81 29.84 -4.28 8.66
CA GLU B 81 29.24 -5.49 8.09
C GLU B 81 28.43 -6.30 9.09
N ASN B 82 27.64 -7.23 8.56
CA ASN B 82 26.93 -8.23 9.35
C ASN B 82 26.97 -9.58 8.63
N TRP B 83 27.55 -10.58 9.28
CA TRP B 83 27.68 -11.93 8.72
C TRP B 83 26.73 -12.90 9.42
N ASP B 84 26.31 -13.95 8.72
CA ASP B 84 25.57 -15.03 9.37
C ASP B 84 26.51 -15.66 10.41
N PRO B 85 25.95 -16.31 11.46
CA PRO B 85 26.80 -16.84 12.55
C PRO B 85 28.04 -17.62 12.09
N THR B 86 27.91 -18.42 11.03
CA THR B 86 29.02 -19.25 10.56
C THR B 86 30.11 -18.44 9.88
N GLY B 87 29.79 -17.23 9.44
CA GLY B 87 30.78 -16.38 8.81
C GLY B 87 30.96 -16.65 7.33
N THR B 88 29.95 -17.26 6.72
CA THR B 88 30.01 -17.68 5.31
C THR B 88 29.55 -16.56 4.38
N LYS B 89 28.49 -15.85 4.74
CA LYS B 89 27.99 -14.77 3.88
C LYS B 89 27.44 -13.59 4.68
N LYS B 90 27.41 -12.42 4.05
CA LYS B 90 26.80 -11.24 4.64
C LYS B 90 25.27 -11.26 4.44
N ILE B 91 24.53 -11.10 5.54
CA ILE B 91 23.05 -11.06 5.52
C ILE B 91 22.55 -9.89 6.40
N TRP B 92 21.28 -9.51 6.23
CA TRP B 92 20.70 -8.39 6.98
C TRP B 92 20.22 -8.78 8.38
N ARG B 93 19.72 -10.01 8.53
CA ARG B 93 19.19 -10.47 9.82
C ARG B 93 20.32 -10.58 10.82
N CYS B 94 20.17 -9.93 11.97
CA CYS B 94 21.22 -10.00 12.99
C CYS B 94 20.71 -10.59 14.30
N GLU B 95 21.60 -11.31 14.98
CA GLU B 95 21.25 -12.03 16.21
C GLU B 95 21.21 -11.15 17.46
N SER B 96 20.09 -11.19 18.20
CA SER B 96 19.90 -10.32 19.37
C SER B 96 18.95 -10.86 20.47
N ASN B 97 19.46 -11.73 21.33
CA ASN B 97 18.63 -12.27 22.41
C ASN B 97 18.48 -11.30 23.58
N ARG B 98 17.26 -11.19 24.10
CA ARG B 98 16.91 -10.21 25.13
C ARG B 98 16.94 -10.80 26.53
N SER B 99 17.41 -10.02 27.51
CA SER B 99 17.32 -10.35 28.94
C SER B 99 17.32 -9.07 29.77
N HIS B 100 17.36 -9.22 31.09
CA HIS B 100 17.40 -8.07 32.02
C HIS B 100 18.58 -8.14 32.97
N THR B 101 19.11 -6.97 33.38
CA THR B 101 20.09 -6.89 34.45
C THR B 101 19.84 -5.60 35.21
N THR B 102 20.78 -5.19 36.07
CA THR B 102 20.70 -3.89 36.76
C THR B 102 21.85 -2.96 36.33
N ILE B 103 21.72 -1.67 36.65
CA ILE B 103 22.78 -0.70 36.35
C ILE B 103 24.11 -1.08 37.00
N ALA B 104 24.07 -1.49 38.26
CA ALA B 104 25.29 -1.88 38.97
C ALA B 104 25.94 -3.08 38.29
N LYS B 105 25.11 -4.01 37.86
CA LYS B 105 25.62 -5.22 37.24
C LYS B 105 26.18 -4.98 35.84
N TYR B 106 25.53 -4.12 35.05
CA TYR B 106 26.05 -3.86 33.72
C TYR B 106 27.35 -3.02 33.83
N ALA B 107 27.39 -2.10 34.79
CA ALA B 107 28.59 -1.25 35.01
C ALA B 107 29.85 -2.09 35.24
N GLN B 108 29.69 -3.12 36.04
CA GLN B 108 30.77 -4.07 36.31
C GLN B 108 31.27 -4.70 35.01
N TYR B 109 30.34 -5.08 34.12
CA TYR B 109 30.70 -5.64 32.81
C TYR B 109 31.35 -4.62 31.87
N GLN B 110 30.85 -3.39 31.82
CA GLN B 110 31.44 -2.32 31.00
C GLN B 110 32.90 -2.08 31.42
N ALA B 111 33.13 -2.03 32.73
CA ALA B 111 34.49 -1.80 33.26
C ALA B 111 35.47 -2.96 33.04
N SER B 112 35.04 -4.21 33.23
CA SER B 112 35.97 -5.32 33.07
C SER B 112 36.30 -5.55 31.60
N SER B 113 35.32 -5.28 30.74
CA SER B 113 35.51 -5.28 29.29
C SER B 113 36.68 -4.36 28.87
N PHE B 114 36.68 -3.13 29.40
CA PHE B 114 37.78 -2.20 29.10
C PHE B 114 39.12 -2.75 29.61
N GLN B 115 39.15 -3.25 30.85
CA GLN B 115 40.38 -3.84 31.40
C GLN B 115 40.91 -5.01 30.57
N GLU B 116 40.02 -5.90 30.14
CA GLU B 116 40.42 -7.04 29.32
C GLU B 116 41.07 -6.57 28.00
N SER B 117 40.55 -5.47 27.46
CA SER B 117 41.09 -4.89 26.22
C SER B 117 42.48 -4.27 26.46
N LEU B 118 42.68 -3.67 27.63
CA LEU B 118 43.99 -3.11 27.98
C LEU B 118 45.05 -4.20 28.05
N ARG B 119 44.69 -5.36 28.59
CA ARG B 119 45.63 -6.45 28.73
C ARG B 119 46.00 -7.09 27.39
N GLU B 120 45.01 -7.20 26.50
CA GLU B 120 45.24 -7.72 25.15
C GLU B 120 46.18 -6.81 24.35
N GLU B 121 45.95 -5.50 24.46
CA GLU B 121 46.77 -4.47 23.81
C GLU B 121 48.23 -4.60 24.23
N ASN B 122 48.42 -5.23 25.38
CA ASN B 122 49.75 -5.48 25.94
C ASN B 122 50.17 -6.97 25.85
N GLU B 123 49.68 -7.68 24.84
CA GLU B 123 50.08 -9.07 24.60
C GLU B 123 51.07 -9.21 23.45
N PRO B 149 35.40 -17.31 14.05
CA PRO B 149 34.28 -17.28 15.01
C PRO B 149 34.14 -15.90 15.66
N PHE B 150 32.91 -15.51 15.99
CA PHE B 150 32.65 -14.17 16.54
C PHE B 150 32.52 -14.19 18.04
N LYS B 151 32.99 -13.10 18.65
CA LYS B 151 32.93 -12.93 20.08
C LYS B 151 31.52 -12.46 20.50
N THR B 152 31.12 -12.75 21.73
CA THR B 152 29.83 -12.31 22.23
C THR B 152 29.95 -11.05 23.08
N ILE B 153 29.07 -10.07 22.84
CA ILE B 153 29.05 -8.86 23.66
C ILE B 153 27.65 -8.55 24.19
N LYS B 154 27.58 -7.71 25.23
CA LYS B 154 26.30 -7.32 25.81
C LYS B 154 26.09 -5.81 25.75
N PHE B 155 24.86 -5.41 25.41
CA PHE B 155 24.50 -4.00 25.19
C PHE B 155 23.34 -3.63 26.12
N GLY B 156 23.51 -2.59 26.92
CA GLY B 156 22.48 -2.15 27.86
C GLY B 156 21.61 -1.05 27.26
N THR B 157 20.35 -1.36 27.02
N THR B 157 20.34 -1.34 27.06
CA THR B 157 19.46 -0.47 26.26
CA THR B 157 19.49 -0.46 26.27
C THR B 157 18.20 -0.04 27.00
C THR B 157 18.15 -0.10 26.94
N ASN B 158 17.54 0.97 26.46
CA ASN B 158 16.23 1.41 26.90
C ASN B 158 16.07 1.55 28.41
N ILE B 159 17.03 2.19 29.05
CA ILE B 159 16.98 2.37 30.50
C ILE B 159 16.06 3.54 30.80
N ASP B 160 15.05 3.31 31.65
CA ASP B 160 13.98 4.29 31.88
C ASP B 160 14.33 5.38 32.90
N LEU B 161 14.49 6.60 32.41
CA LEU B 161 14.82 7.74 33.26
C LEU B 161 13.63 8.70 33.41
N SER B 162 12.41 8.17 33.45
CA SER B 162 11.23 9.03 33.61
C SER B 162 10.97 9.57 35.03
N ASP B 163 11.50 8.91 36.05
CA ASP B 163 11.15 9.26 37.43
C ASP B 163 11.97 10.45 37.93
N ASN B 164 11.31 11.61 38.08
CA ASN B 164 11.97 12.85 38.49
C ASN B 164 12.48 12.84 39.92
N LYS B 165 11.93 11.97 40.75
CA LYS B 165 12.41 11.86 42.13
C LYS B 165 13.69 11.04 42.20
N LYS B 166 13.90 10.16 41.21
CA LYS B 166 15.12 9.36 41.17
C LYS B 166 16.25 10.02 40.34
N TRP B 167 15.87 10.92 39.44
CA TRP B 167 16.84 11.50 38.49
C TRP B 167 16.76 13.02 38.42
N LYS B 168 16.51 13.68 39.56
CA LYS B 168 16.22 15.12 39.58
C LYS B 168 17.31 15.98 38.91
N LEU B 169 18.56 15.74 39.27
CA LEU B 169 19.66 16.56 38.75
C LEU B 169 19.94 16.26 37.26
N GLN B 170 19.74 15.01 36.84
CA GLN B 170 19.93 14.62 35.44
C GLN B 170 18.93 15.35 34.56
N LEU B 171 17.66 15.31 34.94
CA LEU B 171 16.60 15.88 34.13
C LEU B 171 16.69 17.40 34.10
N HIS B 172 17.10 18.01 35.21
CA HIS B 172 17.22 19.46 35.25
C HIS B 172 18.28 19.98 34.27
N GLU B 173 19.35 19.21 34.13
CA GLU B 173 20.47 19.60 33.27
C GLU B 173 20.01 19.71 31.81
N LEU B 174 19.06 18.86 31.43
CA LEU B 174 18.51 18.87 30.08
C LEU B 174 17.56 20.04 29.81
N THR B 175 17.15 20.75 30.86
CA THR B 175 16.31 21.94 30.67
C THR B 175 17.13 23.12 30.13
N LYS B 176 18.45 22.96 30.13
CA LYS B 176 19.38 23.96 29.61
C LYS B 176 19.46 23.96 28.08
N LEU B 177 18.80 22.98 27.45
CA LEU B 177 18.78 22.91 25.99
C LEU B 177 17.89 24.00 25.42
N PRO B 178 18.14 24.38 24.15
CA PRO B 178 17.19 25.24 23.44
C PRO B 178 15.82 24.57 23.33
N ALA B 179 14.76 25.36 23.34
CA ALA B 179 13.39 24.87 23.45
C ALA B 179 13.02 23.79 22.44
N PHE B 180 13.47 23.95 21.20
CA PHE B 180 13.08 23.05 20.13
C PHE B 180 13.58 21.62 20.36
N ALA B 181 14.62 21.48 21.18
CA ALA B 181 15.16 20.15 21.45
C ALA B 181 14.80 19.57 22.83
N ARG B 182 14.05 20.31 23.64
CA ARG B 182 13.75 19.85 25.02
C ARG B 182 12.73 18.72 25.04
N VAL B 183 12.80 17.88 26.06
CA VAL B 183 11.78 16.83 26.28
C VAL B 183 10.41 17.44 26.48
N VAL B 184 10.36 18.58 27.15
CA VAL B 184 9.09 19.25 27.41
C VAL B 184 9.09 20.67 26.87
N SER B 185 8.15 20.99 25.99
CA SER B 185 7.99 22.38 25.52
C SER B 185 6.64 22.61 24.85
N ALA B 186 6.22 23.87 24.80
CA ALA B 186 4.90 24.21 24.27
C ALA B 186 4.85 24.00 22.76
N GLY B 187 6.03 23.94 22.13
CA GLY B 187 6.12 23.71 20.70
C GLY B 187 6.39 22.26 20.29
N ASN B 188 6.27 21.36 21.26
CA ASN B 188 6.47 19.93 21.04
C ASN B 188 5.11 19.22 21.04
N LEU B 189 4.72 18.62 19.91
CA LEU B 189 3.43 17.89 19.86
C LEU B 189 3.29 16.83 20.96
N LEU B 190 4.39 16.18 21.32
CA LEU B 190 4.32 15.12 22.33
C LEU B 190 4.02 15.64 23.72
N THR B 191 4.29 16.93 23.96
CA THR B 191 3.89 17.59 25.21
C THR B 191 2.39 17.83 25.22
N HIS B 192 1.79 17.93 24.04
CA HIS B 192 0.35 18.18 23.94
C HIS B 192 -0.48 16.89 24.01
N VAL B 193 0.17 15.73 24.03
CA VAL B 193 -0.56 14.47 24.22
C VAL B 193 -1.33 14.47 25.55
N GLY B 194 -0.70 15.03 26.58
CA GLY B 194 -1.36 15.16 27.87
C GLY B 194 -1.11 14.01 28.84
N HIS B 195 -0.30 13.04 28.43
CA HIS B 195 0.09 11.96 29.32
C HIS B 195 1.41 11.31 28.88
N THR B 196 1.99 10.52 29.77
CA THR B 196 3.29 9.92 29.51
C THR B 196 3.26 8.89 28.40
N ILE B 197 4.20 9.00 27.45
CA ILE B 197 4.47 7.95 26.50
C ILE B 197 5.93 7.56 26.69
N LEU B 198 6.13 6.43 27.35
CA LEU B 198 7.46 6.06 27.85
C LEU B 198 8.48 5.96 26.73
N GLY B 199 9.60 6.65 26.90
CA GLY B 199 10.67 6.61 25.92
C GLY B 199 10.50 7.60 24.79
N MET B 200 9.33 8.23 24.70
CA MET B 200 9.12 9.28 23.68
C MET B 200 9.11 10.68 24.32
N ASN B 201 8.19 10.93 25.25
CA ASN B 201 8.25 12.19 26.01
C ASN B 201 8.83 11.98 27.41
N THR B 202 9.63 10.93 27.56
CA THR B 202 10.52 10.73 28.72
C THR B 202 11.86 10.23 28.20
N VAL B 203 12.92 10.43 28.98
CA VAL B 203 14.28 10.11 28.55
C VAL B 203 14.66 8.65 28.70
N GLN B 204 15.40 8.16 27.71
CA GLN B 204 15.97 6.82 27.74
C GLN B 204 17.49 6.88 27.80
N LEU B 205 18.11 5.96 28.51
CA LEU B 205 19.57 5.92 28.54
C LEU B 205 20.07 4.60 27.96
N TYR B 206 21.29 4.61 27.41
CA TYR B 206 21.96 3.46 26.80
C TYR B 206 23.40 3.35 27.36
N MET B 207 23.82 2.17 27.77
CA MET B 207 25.20 1.97 28.27
C MET B 207 25.89 0.97 27.34
N LYS B 208 27.08 1.29 26.82
CA LYS B 208 27.65 0.49 25.73
C LYS B 208 29.10 0.00 25.91
N VAL B 209 29.41 -1.08 25.20
CA VAL B 209 30.79 -1.53 24.92
C VAL B 209 31.02 -1.51 23.40
N PRO B 210 32.30 -1.54 22.95
CA PRO B 210 32.57 -1.50 21.52
C PRO B 210 31.79 -2.56 20.75
N GLY B 211 31.16 -2.18 19.65
CA GLY B 211 30.37 -3.11 18.86
C GLY B 211 28.88 -3.18 19.20
N SER B 212 28.46 -2.54 20.29
CA SER B 212 27.02 -2.50 20.66
C SER B 212 26.16 -1.82 19.57
N ARG B 213 25.18 -2.53 19.01
CA ARG B 213 24.44 -2.00 17.84
C ARG B 213 22.96 -1.76 18.07
N THR B 214 22.48 -0.61 17.60
CA THR B 214 21.05 -0.36 17.47
C THR B 214 20.64 -0.58 16.02
N PRO B 215 19.84 -1.63 15.76
CA PRO B 215 19.49 -2.05 14.40
C PRO B 215 18.63 -1.05 13.63
N GLY B 216 18.41 -1.32 12.34
CA GLY B 216 17.68 -0.40 11.47
C GLY B 216 16.25 -0.16 11.90
N HIS B 217 15.86 1.12 11.93
CA HIS B 217 14.49 1.44 12.34
C HIS B 217 14.11 2.86 11.90
N GLN B 218 12.81 3.14 11.88
CA GLN B 218 12.27 4.50 11.90
C GLN B 218 11.69 4.72 13.30
N GLU B 219 11.59 5.98 13.76
CA GLU B 219 11.01 6.30 15.07
C GLU B 219 9.52 5.91 15.16
N ASN B 220 9.03 5.71 16.40
CA ASN B 220 7.61 5.44 16.62
C ASN B 220 6.77 6.54 16.02
N ASN B 221 5.81 6.15 15.18
CA ASN B 221 4.95 7.08 14.44
C ASN B 221 5.71 8.22 13.72
N ASN B 222 6.95 7.94 13.32
CA ASN B 222 7.80 8.86 12.55
C ASN B 222 8.12 10.20 13.22
N PHE B 223 8.11 10.24 14.54
CA PHE B 223 8.43 11.48 15.23
C PHE B 223 9.94 11.75 15.22
N CYS B 224 10.32 13.02 15.22
CA CYS B 224 11.74 13.36 15.30
C CYS B 224 12.39 12.81 16.58
N SER B 225 13.71 12.70 16.57
CA SER B 225 14.46 12.20 17.73
C SER B 225 15.72 13.04 18.04
N VAL B 226 16.12 13.06 19.30
CA VAL B 226 17.36 13.71 19.77
C VAL B 226 18.22 12.67 20.46
N ASN B 227 19.51 12.63 20.15
CA ASN B 227 20.46 11.71 20.78
C ASN B 227 21.74 12.47 21.16
N ILE B 228 22.15 12.40 22.43
CA ILE B 228 23.44 13.00 22.87
C ILE B 228 24.43 11.94 23.32
N ASN B 229 25.66 11.96 22.78
CA ASN B 229 26.69 11.01 23.22
C ASN B 229 27.41 11.51 24.50
N ILE B 230 27.36 10.72 25.56
CA ILE B 230 27.95 11.09 26.86
C ILE B 230 29.47 10.88 26.88
N GLY B 231 29.93 9.97 26.03
CA GLY B 231 31.33 9.56 26.00
C GLY B 231 31.65 8.52 27.07
N PRO B 232 32.95 8.20 27.25
CA PRO B 232 34.11 8.87 26.61
C PRO B 232 34.39 8.44 25.17
N GLY B 233 33.79 7.36 24.69
CA GLY B 233 34.01 6.91 23.31
C GLY B 233 33.08 7.48 22.24
N ASP B 234 33.34 7.11 20.98
CA ASP B 234 32.55 7.60 19.85
C ASP B 234 31.47 6.58 19.42
N CYS B 235 30.44 7.08 18.74
CA CYS B 235 29.48 6.22 18.03
C CYS B 235 29.56 6.49 16.53
N GLU B 236 29.19 5.48 15.74
CA GLU B 236 29.13 5.62 14.29
C GLU B 236 27.69 5.43 13.81
N TRP B 237 27.24 6.39 13.01
CA TRP B 237 25.86 6.48 12.56
C TRP B 237 25.73 6.20 11.06
N PHE B 238 24.61 5.57 10.69
CA PHE B 238 24.23 5.32 9.30
C PHE B 238 22.80 5.80 9.08
N VAL B 239 22.58 6.60 8.03
CA VAL B 239 21.30 7.30 7.82
C VAL B 239 20.82 7.27 6.35
N VAL B 240 19.52 7.03 6.16
CA VAL B 240 18.88 7.01 4.84
C VAL B 240 17.65 7.92 4.86
N PRO B 241 17.49 8.82 3.86
CA PRO B 241 16.35 9.77 3.91
C PRO B 241 14.98 9.07 3.88
N GLU B 242 13.96 9.74 4.40
CA GLU B 242 12.61 9.16 4.54
C GLU B 242 12.06 8.62 3.22
N ASP B 243 12.33 9.31 2.10
CA ASP B 243 11.62 8.93 0.86
C ASP B 243 12.18 7.66 0.22
N TYR B 244 13.17 7.05 0.85
CA TYR B 244 13.72 5.76 0.38
C TYR B 244 13.24 4.56 1.23
N TRP B 245 12.39 4.81 2.22
CA TRP B 245 12.08 3.75 3.17
C TRP B 245 11.40 2.58 2.48
N GLY B 246 10.65 2.87 1.41
CA GLY B 246 9.98 1.84 0.63
C GLY B 246 10.94 0.86 -0.02
N VAL B 247 12.13 1.33 -0.37
CA VAL B 247 13.14 0.45 -0.96
C VAL B 247 13.62 -0.55 0.08
N LEU B 248 13.85 -0.09 1.31
CA LEU B 248 14.32 -0.99 2.36
C LEU B 248 13.20 -1.94 2.83
N ASN B 249 11.96 -1.44 2.87
CA ASN B 249 10.82 -2.31 3.19
C ASN B 249 10.67 -3.43 2.16
N ASP B 250 10.89 -3.08 0.89
CA ASP B 250 10.84 -4.08 -0.18
C ASP B 250 11.88 -5.17 0.02
N PHE B 251 13.12 -4.80 0.34
CA PHE B 251 14.14 -5.83 0.58
C PHE B 251 13.73 -6.76 1.70
N CYS B 252 13.28 -6.19 2.82
CA CYS B 252 12.83 -7.02 3.94
C CYS B 252 11.74 -8.01 3.49
N GLU B 253 10.76 -7.53 2.74
CA GLU B 253 9.64 -8.38 2.30
C GLU B 253 10.10 -9.53 1.41
N LYS B 254 11.13 -9.26 0.60
CA LYS B 254 11.71 -10.25 -0.30
C LYS B 254 12.75 -11.17 0.37
N ASN B 255 13.15 -10.84 1.59
CA ASN B 255 14.10 -11.69 2.32
C ASN B 255 13.60 -12.20 3.68
N ASN B 256 12.29 -12.34 3.81
CA ASN B 256 11.65 -12.88 5.02
C ASN B 256 11.95 -12.12 6.32
N LEU B 257 11.85 -10.79 6.26
CA LEU B 257 12.05 -9.95 7.43
C LEU B 257 10.87 -9.00 7.61
N ASN B 258 10.47 -8.76 8.85
CA ASN B 258 9.48 -7.73 9.15
C ASN B 258 10.21 -6.40 9.37
N PHE B 259 10.00 -5.44 8.48
CA PHE B 259 10.66 -4.14 8.54
C PHE B 259 10.48 -3.46 9.90
N LEU B 260 9.26 -3.50 10.42
CA LEU B 260 8.96 -2.77 11.65
C LEU B 260 9.36 -3.51 12.93
N MET B 261 9.36 -4.85 12.86
N MET B 261 9.35 -4.84 12.87
CA MET B 261 9.47 -5.68 14.05
CA MET B 261 9.47 -5.66 14.08
C MET B 261 10.78 -6.48 14.17
C MET B 261 10.69 -6.60 14.14
N SER B 262 11.41 -6.78 13.04
CA SER B 262 12.60 -7.63 13.07
C SER B 262 13.88 -6.83 13.34
N SER B 263 14.93 -7.50 13.79
CA SER B 263 16.25 -6.88 13.91
C SER B 263 17.10 -7.08 12.65
N TRP B 264 17.43 -5.99 11.96
CA TRP B 264 18.21 -6.09 10.73
C TRP B 264 19.30 -5.00 10.61
N TRP B 265 20.40 -5.34 9.94
CA TRP B 265 21.57 -4.46 9.74
C TRP B 265 21.95 -4.47 8.26
N PRO B 266 21.64 -3.39 7.52
CA PRO B 266 21.79 -3.37 6.07
C PRO B 266 23.22 -3.63 5.55
N ASN B 267 23.31 -4.43 4.50
CA ASN B 267 24.55 -4.61 3.74
C ASN B 267 24.70 -3.40 2.81
N LEU B 268 25.73 -2.59 3.03
CA LEU B 268 25.89 -1.34 2.28
C LEU B 268 26.02 -1.57 0.76
N GLU B 269 26.43 -2.77 0.37
CA GLU B 269 26.59 -3.09 -1.04
C GLU B 269 25.24 -3.28 -1.71
N ASP B 270 24.30 -3.90 -0.99
CA ASP B 270 22.92 -4.01 -1.43
C ASP B 270 22.32 -2.63 -1.65
N LEU B 271 22.57 -1.72 -0.71
CA LEU B 271 22.02 -0.37 -0.79
C LEU B 271 22.64 0.42 -1.94
N TYR B 272 23.95 0.26 -2.16
CA TYR B 272 24.62 0.95 -3.27
C TYR B 272 24.09 0.46 -4.62
N GLU B 273 23.97 -0.85 -4.74
CA GLU B 273 23.39 -1.52 -5.90
C GLU B 273 21.97 -1.00 -6.22
N ALA B 274 21.16 -0.78 -5.19
CA ALA B 274 19.79 -0.29 -5.38
C ALA B 274 19.71 1.24 -5.49
N ASN B 275 20.87 1.88 -5.63
CA ASN B 275 20.95 3.35 -5.74
C ASN B 275 20.36 4.13 -4.55
N VAL B 276 20.57 3.62 -3.33
CA VAL B 276 20.14 4.32 -2.12
C VAL B 276 21.31 5.04 -1.44
N PRO B 277 21.20 6.36 -1.26
CA PRO B 277 22.28 7.12 -0.61
C PRO B 277 22.29 6.88 0.91
N VAL B 278 23.50 6.79 1.47
CA VAL B 278 23.69 6.53 2.90
C VAL B 278 24.59 7.62 3.50
N TYR B 279 24.08 8.36 4.46
CA TYR B 279 24.88 9.35 5.18
C TYR B 279 25.59 8.65 6.35
N ARG B 280 26.90 8.81 6.47
CA ARG B 280 27.57 8.20 7.62
C ARG B 280 28.53 9.17 8.28
N PHE B 281 28.53 9.17 9.60
CA PHE B 281 29.34 10.11 10.36
C PHE B 281 29.68 9.58 11.76
N ILE B 282 30.58 10.30 12.42
CA ILE B 282 31.04 9.96 13.77
C ILE B 282 30.41 10.94 14.73
N GLN B 283 29.80 10.42 15.78
CA GLN B 283 29.24 11.23 16.84
C GLN B 283 30.18 11.16 18.02
N ARG B 284 30.80 12.30 18.36
CA ARG B 284 31.77 12.38 19.45
C ARG B 284 31.09 12.83 20.74
N PRO B 285 31.75 12.63 21.89
CA PRO B 285 31.14 13.06 23.17
C PRO B 285 30.74 14.54 23.13
N GLY B 286 29.52 14.83 23.57
CA GLY B 286 28.95 16.17 23.48
C GLY B 286 28.24 16.53 22.16
N ASP B 287 28.40 15.71 21.12
CA ASP B 287 27.70 16.00 19.85
C ASP B 287 26.21 15.63 19.97
N LEU B 288 25.32 16.53 19.54
CA LEU B 288 23.87 16.23 19.53
C LEU B 288 23.44 15.84 18.12
N VAL B 289 22.76 14.70 17.99
CA VAL B 289 22.26 14.26 16.69
C VAL B 289 20.76 14.50 16.63
N TRP B 290 20.32 15.24 15.61
CA TRP B 290 18.89 15.45 15.35
C TRP B 290 18.43 14.56 14.21
N ILE B 291 17.56 13.59 14.51
CA ILE B 291 16.97 12.72 13.48
C ILE B 291 15.61 13.24 12.99
N ASN B 292 15.53 13.60 11.71
CA ASN B 292 14.33 14.22 11.17
C ASN B 292 13.18 13.20 10.97
N ALA B 293 11.97 13.68 10.66
CA ALA B 293 10.80 12.80 10.69
C ALA B 293 10.86 11.70 9.63
N GLY B 294 10.78 10.45 10.06
CA GLY B 294 10.81 9.32 9.15
C GLY B 294 12.17 8.86 8.65
N THR B 295 13.23 9.51 9.10
CA THR B 295 14.59 9.16 8.69
C THR B 295 14.97 7.76 9.19
N VAL B 296 15.41 6.90 8.27
CA VAL B 296 15.82 5.54 8.68
C VAL B 296 17.28 5.54 9.15
N HIS B 297 17.57 4.85 10.25
CA HIS B 297 18.93 4.88 10.81
C HIS B 297 19.31 3.65 11.62
N TRP B 298 20.61 3.40 11.70
CA TRP B 298 21.17 2.35 12.55
C TRP B 298 22.56 2.82 13.09
N VAL B 299 22.95 2.31 14.26
CA VAL B 299 24.09 2.89 15.01
C VAL B 299 24.95 1.82 15.68
N GLN B 300 26.26 2.08 15.80
CA GLN B 300 27.12 1.22 16.60
C GLN B 300 28.14 2.02 17.44
N ALA B 301 28.38 1.56 18.66
CA ALA B 301 29.45 2.14 19.49
C ALA B 301 30.82 1.74 18.92
N VAL B 302 31.72 2.71 18.86
CA VAL B 302 33.09 2.46 18.45
C VAL B 302 33.96 2.23 19.69
N GLY B 303 33.72 3.00 20.74
CA GLY B 303 34.40 2.80 22.01
C GLY B 303 33.43 2.48 23.13
N TRP B 304 33.88 2.73 24.36
CA TRP B 304 33.05 2.63 25.56
C TRP B 304 32.38 3.98 25.80
N CYS B 305 31.05 4.00 25.88
CA CYS B 305 30.29 5.24 26.08
C CYS B 305 28.85 4.98 26.56
N ASN B 306 28.17 6.02 27.02
CA ASN B 306 26.72 6.03 27.26
C ASN B 306 26.11 7.06 26.32
N ASN B 307 24.82 6.88 26.01
CA ASN B 307 24.03 7.83 25.21
C ASN B 307 22.67 8.10 25.91
N ILE B 308 22.06 9.25 25.63
CA ILE B 308 20.69 9.49 26.07
C ILE B 308 19.82 9.88 24.86
N ALA B 309 18.54 9.56 24.88
CA ALA B 309 17.71 9.88 23.71
C ALA B 309 16.22 10.00 24.06
N TRP B 310 15.49 10.73 23.23
CA TRP B 310 14.06 10.95 23.42
C TRP B 310 13.47 11.48 22.12
N ASN B 311 12.15 11.67 22.08
CA ASN B 311 11.50 12.15 20.87
C ASN B 311 10.99 13.57 20.97
N VAL B 312 10.75 14.17 19.81
CA VAL B 312 10.18 15.51 19.68
C VAL B 312 9.27 15.62 18.43
N GLY B 313 8.15 16.33 18.55
CA GLY B 313 7.30 16.61 17.41
C GLY B 313 7.14 18.09 17.08
N PRO B 314 7.94 18.61 16.12
CA PRO B 314 7.79 20.02 15.71
C PRO B 314 6.38 20.31 15.18
N LEU B 315 5.92 21.56 15.35
CA LEU B 315 4.62 21.97 14.82
C LEU B 315 4.64 22.26 13.32
N THR B 316 4.84 21.23 12.49
CA THR B 316 4.87 21.44 11.04
C THR B 316 3.95 20.50 10.29
N ALA B 317 3.53 20.91 9.10
CA ALA B 317 2.72 20.05 8.21
C ALA B 317 3.43 18.73 7.90
N CYS B 318 4.74 18.78 7.69
CA CYS B 318 5.52 17.59 7.39
C CYS B 318 5.51 16.56 8.53
N GLN B 319 5.74 17.01 9.77
CA GLN B 319 5.71 16.10 10.92
C GLN B 319 4.32 15.45 11.11
N TYR B 320 3.26 16.27 11.02
CA TYR B 320 1.90 15.78 11.22
C TYR B 320 1.53 14.77 10.12
N LYS B 321 1.86 15.10 8.87
CA LYS B 321 1.59 14.20 7.75
C LYS B 321 2.25 12.84 7.93
N LEU B 322 3.54 12.81 8.26
CA LEU B 322 4.29 11.54 8.37
C LEU B 322 3.83 10.70 9.56
N ALA B 323 3.39 11.36 10.62
CA ALA B 323 2.83 10.69 11.78
C ALA B 323 1.48 10.02 11.47
N VAL B 324 0.61 10.74 10.77
CA VAL B 324 -0.68 10.16 10.37
C VAL B 324 -0.49 8.98 9.41
N GLU B 325 0.42 9.12 8.45
CA GLU B 325 0.73 8.05 7.50
C GLU B 325 1.17 6.75 8.21
N ARG B 326 2.12 6.86 9.12
CA ARG B 326 2.63 5.70 9.86
C ARG B 326 1.58 5.13 10.81
N TYR B 327 0.73 6.01 11.37
CA TYR B 327 -0.43 5.59 12.17
C TYR B 327 -1.39 4.67 11.38
N GLU B 328 -1.64 5.02 10.12
CA GLU B 328 -2.52 4.22 9.29
C GLU B 328 -1.83 2.94 8.80
N TRP B 329 -0.53 3.04 8.46
CA TRP B 329 0.28 1.89 8.06
C TRP B 329 0.40 0.83 9.17
N ASN B 330 0.55 1.27 10.42
CA ASN B 330 0.61 0.36 11.56
C ASN B 330 -0.68 -0.50 11.67
N LYS B 331 -1.81 0.07 11.26
CA LYS B 331 -3.06 -0.68 11.26
C LYS B 331 -3.02 -1.84 10.26
N LEU B 332 -2.59 -1.56 9.03
CA LEU B 332 -2.46 -2.61 8.01
C LEU B 332 -1.54 -3.75 8.45
N LYS B 333 -0.48 -3.40 9.19
CA LYS B 333 0.51 -4.37 9.62
C LYS B 333 0.21 -5.01 10.97
N SER B 334 -0.94 -4.69 11.54
CA SER B 334 -1.33 -5.14 12.88
C SER B 334 -0.30 -4.82 13.97
N VAL B 335 0.20 -3.59 13.96
CA VAL B 335 1.19 -3.12 14.94
C VAL B 335 0.62 -1.94 15.75
N LYS B 336 0.77 -1.94 17.07
CA LYS B 336 0.24 -0.84 17.87
C LYS B 336 1.00 0.49 17.62
N SER B 337 0.26 1.61 17.48
CA SER B 337 0.87 2.94 17.46
C SER B 337 1.05 3.50 18.88
N PRO B 338 2.30 3.70 19.33
CA PRO B 338 2.48 4.30 20.66
C PRO B 338 1.91 5.73 20.77
N VAL B 339 1.83 6.46 19.67
CA VAL B 339 1.22 7.79 19.72
C VAL B 339 -0.25 7.76 19.30
N PRO B 340 -1.17 8.16 20.20
CA PRO B 340 -2.61 8.12 19.85
C PRO B 340 -3.08 9.34 19.07
N MET B 341 -3.04 9.24 17.74
CA MET B 341 -3.17 10.41 16.88
C MET B 341 -4.58 11.02 16.88
N VAL B 342 -5.61 10.26 17.25
CA VAL B 342 -6.93 10.86 17.37
C VAL B 342 -7.00 11.74 18.63
N HIS B 343 -6.68 11.15 19.77
CA HIS B 343 -6.58 11.88 21.04
C HIS B 343 -5.73 13.15 20.86
N LEU B 344 -4.59 13.01 20.19
CA LEU B 344 -3.65 14.13 20.03
C LEU B 344 -4.24 15.21 19.14
N SER B 345 -4.90 14.79 18.06
CA SER B 345 -5.49 15.76 17.13
C SER B 345 -6.53 16.64 17.81
N TRP B 346 -7.36 16.07 18.70
CA TRP B 346 -8.36 16.86 19.41
C TRP B 346 -7.69 17.85 20.38
N ASN B 347 -6.65 17.41 21.09
CA ASN B 347 -5.89 18.29 21.97
C ASN B 347 -5.24 19.46 21.25
N MET B 348 -4.73 19.20 20.05
CA MET B 348 -4.16 20.24 19.21
C MET B 348 -5.20 21.31 18.90
N ALA B 349 -6.39 20.85 18.57
CA ALA B 349 -7.49 21.74 18.20
C ALA B 349 -7.96 22.57 19.39
N ARG B 350 -7.83 22.01 20.59
CA ARG B 350 -8.17 22.72 21.81
C ARG B 350 -7.12 23.78 22.17
N ASN B 351 -5.84 23.47 21.99
CA ASN B 351 -4.83 24.27 22.68
C ASN B 351 -3.89 25.02 21.77
N ILE B 352 -3.99 24.83 20.46
CA ILE B 352 -2.99 25.43 19.56
C ILE B 352 -3.59 26.31 18.47
N LYS B 353 -3.07 27.53 18.35
CA LYS B 353 -3.47 28.39 17.24
C LYS B 353 -2.59 28.10 16.02
N VAL B 354 -3.20 27.63 14.94
CA VAL B 354 -2.45 27.20 13.77
C VAL B 354 -2.46 28.25 12.65
N SER B 355 -1.27 28.67 12.24
CA SER B 355 -1.16 29.72 11.23
C SER B 355 -0.65 29.23 9.87
N ASP B 356 -0.15 27.99 9.81
CA ASP B 356 0.22 27.38 8.52
C ASP B 356 -0.98 26.73 7.84
N PRO B 357 -1.35 27.20 6.63
CA PRO B 357 -2.54 26.71 5.93
C PRO B 357 -2.52 25.21 5.59
N LYS B 358 -1.37 24.65 5.23
CA LYS B 358 -1.29 23.23 4.89
C LYS B 358 -1.54 22.38 6.13
N LEU B 359 -0.84 22.71 7.22
CA LEU B 359 -1.01 22.03 8.50
C LEU B 359 -2.45 22.16 8.98
N PHE B 360 -3.00 23.37 8.89
CA PHE B 360 -4.38 23.59 9.32
C PHE B 360 -5.35 22.68 8.56
N GLU B 361 -5.17 22.58 7.24
CA GLU B 361 -6.12 21.79 6.44
C GLU B 361 -6.03 20.31 6.76
N MET B 362 -4.82 19.81 7.02
CA MET B 362 -4.62 18.41 7.42
C MET B 362 -5.36 18.09 8.72
N ILE B 363 -5.19 18.96 9.74
CA ILE B 363 -5.85 18.71 11.02
C ILE B 363 -7.38 18.80 10.94
N LYS B 364 -7.86 19.84 10.27
CA LYS B 364 -9.29 20.07 10.09
C LYS B 364 -9.94 18.87 9.39
N TYR B 365 -9.30 18.40 8.33
CA TYR B 365 -9.76 17.25 7.57
C TYR B 365 -9.84 16.00 8.46
N CYS B 366 -8.83 15.75 9.29
CA CYS B 366 -8.85 14.58 10.16
C CYS B 366 -9.96 14.68 11.20
N LEU B 367 -10.14 15.85 11.81
CA LEU B 367 -11.16 16.04 12.83
C LEU B 367 -12.57 15.84 12.30
N LEU B 368 -12.81 16.33 11.08
CA LEU B 368 -14.11 16.19 10.45
C LEU B 368 -14.45 14.73 10.20
N LYS B 369 -13.45 13.99 9.74
CA LYS B 369 -13.59 12.57 9.46
C LYS B 369 -13.88 11.76 10.71
N ILE B 370 -13.16 12.05 11.79
CA ILE B 370 -13.37 11.44 13.10
C ILE B 370 -14.78 11.72 13.62
N LEU B 371 -15.15 13.00 13.54
CA LEU B 371 -16.44 13.47 14.05
C LEU B 371 -17.61 12.78 13.39
N LYS B 372 -17.55 12.68 12.06
CA LYS B 372 -18.64 12.08 11.31
C LYS B 372 -18.75 10.58 11.57
N GLN B 373 -17.63 9.87 11.55
N GLN B 373 -17.62 9.89 11.52
CA GLN B 373 -17.63 8.43 11.81
CA GLN B 373 -17.52 8.47 11.86
C GLN B 373 -18.24 8.16 13.19
C GLN B 373 -18.21 8.17 13.18
N TYR B 374 -17.86 8.97 14.19
CA TYR B 374 -18.43 8.87 15.52
C TYR B 374 -19.93 9.15 15.58
N GLN B 375 -20.37 10.19 14.90
CA GLN B 375 -21.79 10.55 14.88
C GLN B 375 -22.67 9.46 14.28
N THR B 376 -22.16 8.82 13.22
CA THR B 376 -22.88 7.75 12.56
C THR B 376 -23.08 6.55 13.49
N LEU B 377 -21.99 6.09 14.08
CA LEU B 377 -22.01 4.94 14.97
C LEU B 377 -22.92 5.19 16.18
N ARG B 378 -22.81 6.36 16.81
CA ARG B 378 -23.60 6.69 18.00
C ARG B 378 -25.09 6.55 17.73
N GLU B 379 -25.54 7.12 16.62
CA GLU B 379 -26.96 7.08 16.31
C GLU B 379 -27.43 5.69 15.88
N ALA B 380 -26.53 4.88 15.33
CA ALA B 380 -26.93 3.52 14.96
C ALA B 380 -27.14 2.67 16.23
N LEU B 381 -26.25 2.83 17.19
CA LEU B 381 -26.36 2.16 18.48
C LEU B 381 -27.67 2.51 19.22
N VAL B 382 -28.00 3.80 19.30
CA VAL B 382 -29.22 4.23 19.98
C VAL B 382 -30.46 3.72 19.24
N ALA B 383 -30.41 3.71 17.91
CA ALA B 383 -31.51 3.21 17.07
C ALA B 383 -31.76 1.71 17.24
N ALA B 384 -30.73 0.99 17.68
CA ALA B 384 -30.85 -0.44 17.91
C ALA B 384 -31.15 -0.70 19.38
N GLY B 385 -31.58 0.35 20.07
CA GLY B 385 -31.98 0.24 21.46
C GLY B 385 -30.83 0.11 22.45
N LYS B 386 -29.63 0.54 22.06
CA LYS B 386 -28.51 0.41 22.95
C LYS B 386 -28.29 1.70 23.74
N GLU B 387 -28.39 1.61 25.06
CA GLU B 387 -28.19 2.76 25.95
C GLU B 387 -26.74 3.27 25.92
N VAL B 388 -26.55 4.55 25.60
CA VAL B 388 -25.24 5.16 25.74
C VAL B 388 -25.11 5.79 27.12
N ILE B 389 -24.20 5.25 27.90
CA ILE B 389 -24.03 5.66 29.29
C ILE B 389 -22.85 6.63 29.51
N TRP B 390 -23.10 7.74 30.20
CA TRP B 390 -22.04 8.74 30.44
C TRP B 390 -21.01 8.27 31.45
N HIS B 391 -19.76 8.25 31.04
CA HIS B 391 -18.72 7.67 31.86
C HIS B 391 -17.64 8.69 32.18
N GLY B 392 -17.23 9.46 31.19
CA GLY B 392 -16.30 10.56 31.41
C GLY B 392 -14.86 10.17 31.62
N ARG B 393 -14.08 11.09 32.18
CA ARG B 393 -12.64 10.91 32.36
C ARG B 393 -12.05 11.97 33.30
N THR B 394 -10.94 11.64 33.94
CA THR B 394 -10.09 12.64 34.59
C THR B 394 -9.30 13.38 33.50
N ASN B 395 -8.94 14.64 33.76
CA ASN B 395 -8.24 15.44 32.76
C ASN B 395 -6.85 14.89 32.38
N ASP B 396 -6.29 14.03 33.22
CA ASP B 396 -4.96 13.47 32.95
C ASP B 396 -5.04 12.01 32.51
N GLU B 397 -6.25 11.54 32.23
CA GLU B 397 -6.50 10.16 31.79
C GLU B 397 -5.99 9.88 30.37
N PRO B 398 -5.18 8.82 30.21
CA PRO B 398 -4.58 8.49 28.92
C PRO B 398 -5.61 8.13 27.85
N ALA B 399 -5.20 8.13 26.58
CA ALA B 399 -6.04 7.60 25.51
C ALA B 399 -6.22 6.09 25.69
N HIS B 400 -7.27 5.51 25.10
CA HIS B 400 -7.51 4.06 25.24
C HIS B 400 -7.30 3.26 23.95
N TYR B 401 -6.83 2.04 24.11
CA TYR B 401 -6.64 1.12 22.98
C TYR B 401 -7.43 -0.18 23.20
N CYS B 402 -7.81 -0.86 22.11
CA CYS B 402 -8.58 -2.12 22.18
C CYS B 402 -7.78 -3.26 22.82
N SER B 403 -8.33 -3.88 23.86
CA SER B 403 -7.64 -4.97 24.56
C SER B 403 -7.41 -6.22 23.68
N ILE B 404 -8.10 -6.28 22.55
CA ILE B 404 -7.93 -7.40 21.61
C ILE B 404 -6.99 -7.06 20.44
N CYS B 405 -7.32 -6.03 19.67
CA CYS B 405 -6.59 -5.70 18.44
C CYS B 405 -5.62 -4.52 18.57
N GLU B 406 -5.67 -3.83 19.70
CA GLU B 406 -4.79 -2.70 20.04
C GLU B 406 -4.93 -1.45 19.16
N VAL B 407 -6.02 -1.34 18.39
CA VAL B 407 -6.30 -0.10 17.68
C VAL B 407 -6.70 0.97 18.70
N GLU B 408 -6.44 2.24 18.41
CA GLU B 408 -6.92 3.31 19.29
C GLU B 408 -8.45 3.31 19.26
N VAL B 409 -9.06 3.54 20.41
CA VAL B 409 -10.51 3.65 20.48
C VAL B 409 -10.88 5.01 21.04
N PHE B 410 -11.71 5.76 20.32
CA PHE B 410 -12.00 7.12 20.78
C PHE B 410 -13.46 7.38 21.13
N ASN B 411 -13.65 7.89 22.35
CA ASN B 411 -14.92 8.37 22.90
C ASN B 411 -15.87 7.21 23.29
N LEU B 412 -16.34 6.46 22.31
CA LEU B 412 -17.24 5.34 22.58
C LEU B 412 -16.47 4.06 22.93
N LEU B 413 -16.51 3.66 24.20
CA LEU B 413 -15.78 2.49 24.66
C LEU B 413 -16.73 1.29 24.84
N PHE B 414 -16.34 0.13 24.33
CA PHE B 414 -17.18 -1.06 24.44
C PHE B 414 -16.64 -1.97 25.53
N VAL B 415 -17.45 -2.11 26.59
CA VAL B 415 -17.05 -2.82 27.79
C VAL B 415 -18.09 -3.92 28.07
N THR B 416 -17.64 -5.09 28.52
CA THR B 416 -18.60 -6.18 28.81
C THR B 416 -19.48 -5.82 30.00
N ASN B 417 -20.65 -6.43 30.06
CA ASN B 417 -21.54 -6.24 31.21
C ASN B 417 -20.84 -6.46 32.52
N GLU B 418 -20.03 -7.52 32.56
CA GLU B 418 -19.34 -7.91 33.79
C GLU B 418 -18.21 -6.95 34.18
N SER B 419 -17.40 -6.51 33.21
CA SER B 419 -16.29 -5.58 33.50
C SER B 419 -16.84 -4.24 33.98
N ASN B 420 -17.98 -3.85 33.42
CA ASN B 420 -18.65 -2.65 33.86
C ASN B 420 -19.09 -2.76 35.33
N THR B 421 -19.80 -3.83 35.65
CA THR B 421 -20.24 -4.08 37.02
C THR B 421 -19.05 -4.12 37.98
N GLN B 422 -17.97 -4.78 37.57
CA GLN B 422 -16.78 -4.88 38.41
C GLN B 422 -15.90 -3.62 38.45
N LYS B 423 -16.23 -2.64 37.60
CA LYS B 423 -15.48 -1.38 37.51
C LYS B 423 -14.01 -1.58 37.09
N THR B 424 -13.76 -2.51 36.18
CA THR B 424 -12.44 -2.67 35.58
C THR B 424 -12.39 -1.95 34.23
N TYR B 425 -13.55 -1.79 33.61
CA TYR B 425 -13.70 -1.04 32.37
C TYR B 425 -12.69 -1.41 31.27
N ILE B 426 -12.62 -2.70 30.95
CA ILE B 426 -11.72 -3.19 29.93
C ILE B 426 -12.21 -2.86 28.51
N VAL B 427 -11.49 -1.97 27.82
CA VAL B 427 -11.97 -1.39 26.56
C VAL B 427 -11.85 -2.31 25.33
N HIS B 428 -12.91 -2.33 24.52
CA HIS B 428 -12.94 -2.98 23.21
C HIS B 428 -13.29 -1.97 22.14
N CYS B 429 -12.82 -2.18 20.92
CA CYS B 429 -13.36 -1.46 19.76
C CYS B 429 -14.68 -2.11 19.33
N HIS B 430 -15.41 -1.41 18.46
CA HIS B 430 -16.72 -1.89 18.01
C HIS B 430 -16.63 -3.23 17.27
N ASP B 431 -15.65 -3.37 16.39
CA ASP B 431 -15.53 -4.60 15.57
C ASP B 431 -15.19 -5.84 16.39
N CYS B 432 -14.25 -5.70 17.32
CA CYS B 432 -13.87 -6.83 18.17
C CYS B 432 -15.02 -7.26 19.09
N ALA B 433 -15.78 -6.29 19.62
CA ALA B 433 -16.95 -6.59 20.44
C ALA B 433 -18.03 -7.32 19.63
N ARG B 434 -18.33 -6.78 18.45
N ARG B 434 -18.31 -6.77 18.45
CA ARG B 434 -19.32 -7.35 17.53
CA ARG B 434 -19.29 -7.31 17.50
C ARG B 434 -18.99 -8.80 17.16
C ARG B 434 -18.99 -8.76 17.12
N LYS B 435 -17.72 -9.03 16.83
CA LYS B 435 -17.27 -10.37 16.51
C LYS B 435 -17.48 -11.39 17.64
N THR B 436 -17.46 -10.93 18.89
CA THR B 436 -17.71 -11.79 20.05
C THR B 436 -19.19 -11.94 20.36
N SER B 437 -19.91 -10.84 20.31
CA SER B 437 -21.31 -10.78 20.71
C SER B 437 -22.13 -10.10 19.60
N LYS B 438 -22.77 -10.92 18.76
CA LYS B 438 -23.35 -10.45 17.48
C LYS B 438 -24.29 -9.25 17.60
N SER B 439 -25.08 -9.19 18.67
CA SER B 439 -25.98 -8.05 18.85
C SER B 439 -25.51 -7.15 19.97
N LEU B 440 -24.24 -7.30 20.36
CA LEU B 440 -23.67 -6.55 21.48
C LEU B 440 -24.44 -6.79 22.77
N GLU B 441 -25.09 -7.96 22.89
CA GLU B 441 -25.90 -8.26 24.07
C GLU B 441 -25.02 -8.43 25.32
N ASN B 442 -23.75 -8.76 25.11
CA ASN B 442 -22.79 -8.90 26.20
C ASN B 442 -22.04 -7.63 26.60
N PHE B 443 -22.29 -6.52 25.90
CA PHE B 443 -21.51 -5.30 26.12
C PHE B 443 -22.37 -4.10 26.54
N VAL B 444 -21.77 -3.15 27.23
CA VAL B 444 -22.36 -1.81 27.42
C VAL B 444 -21.52 -0.76 26.67
N VAL B 445 -22.14 0.38 26.34
CA VAL B 445 -21.44 1.48 25.65
C VAL B 445 -21.16 2.68 26.56
N LEU B 446 -19.89 2.98 26.77
CA LEU B 446 -19.53 4.12 27.63
C LEU B 446 -19.13 5.31 26.75
N GLU B 447 -19.43 6.52 27.22
CA GLU B 447 -19.10 7.75 26.48
C GLU B 447 -18.23 8.67 27.35
N GLN B 448 -17.08 9.09 26.83
CA GLN B 448 -16.15 9.90 27.62
C GLN B 448 -16.22 11.40 27.33
N TYR B 449 -16.75 11.75 26.15
CA TYR B 449 -16.88 13.15 25.75
C TYR B 449 -18.27 13.35 25.23
N LYS B 450 -18.92 14.43 25.66
CA LYS B 450 -20.21 14.78 25.09
C LYS B 450 -20.08 15.30 23.69
N MET B 451 -21.11 15.07 22.89
CA MET B 451 -21.03 15.43 21.49
C MET B 451 -21.02 16.95 21.33
N GLU B 452 -21.80 17.65 22.16
CA GLU B 452 -21.84 19.11 22.11
C GLU B 452 -20.43 19.72 22.21
N ASP B 453 -19.64 19.20 23.14
CA ASP B 453 -18.28 19.70 23.35
C ASP B 453 -17.36 19.48 22.14
N LEU B 454 -17.50 18.33 21.48
CA LEU B 454 -16.66 18.03 20.31
C LEU B 454 -17.04 18.89 19.12
N ILE B 455 -18.33 19.09 18.90
CA ILE B 455 -18.81 19.97 17.85
C ILE B 455 -18.28 21.40 18.06
N GLN B 456 -18.30 21.85 19.31
CA GLN B 456 -17.82 23.17 19.66
C GLN B 456 -16.33 23.33 19.32
N VAL B 457 -15.51 22.40 19.80
CA VAL B 457 -14.08 22.42 19.56
C VAL B 457 -13.77 22.49 18.07
N TYR B 458 -14.50 21.70 17.30
CA TYR B 458 -14.30 21.70 15.84
C TYR B 458 -14.63 23.03 15.20
N ASP B 459 -15.77 23.60 15.58
CA ASP B 459 -16.23 24.87 15.00
C ASP B 459 -15.31 26.01 15.38
N GLN B 460 -14.78 25.94 16.60
CA GLN B 460 -13.92 26.99 17.11
C GLN B 460 -12.47 26.86 16.61
N PHE B 461 -12.19 25.83 15.81
CA PHE B 461 -10.84 25.63 15.28
C PHE B 461 -10.70 26.33 13.94
N THR B 462 -10.05 27.51 13.94
CA THR B 462 -9.93 28.31 12.73
C THR B 462 -8.49 28.74 12.41
N LEU B 463 -8.24 29.03 11.13
CA LEU B 463 -6.94 29.43 10.62
C LEU B 463 -6.60 30.88 11.01
N ALA B 464 -5.56 31.04 11.82
CA ALA B 464 -5.06 32.36 12.23
C ALA B 464 -4.16 32.98 11.19
N LEU B 465 -4.25 34.30 11.04
CA LEU B 465 -3.29 34.96 10.17
C LEU B 465 -2.01 35.27 10.93
N SER B 466 -0.90 34.75 10.42
CA SER B 466 0.42 35.15 10.88
C SER B 466 1.28 35.51 9.68
N LEU B 467 2.11 36.53 9.83
CA LEU B 467 3.02 36.91 8.76
C LEU B 467 4.34 36.12 8.87
N SER B 468 4.45 35.30 9.91
CA SER B 468 5.65 34.50 10.15
C SER B 468 5.82 33.33 9.17
MN MN C . -6.60 -3.36 -23.16
O1 OAA D . -0.02 -5.26 -26.46
O2 OAA D . -1.49 -5.77 -28.05
O4 OAA D . -5.04 -3.93 -24.69
O5 OAA D . -3.21 -4.05 -23.46
O3 OAA D . -3.11 -3.95 -26.82
C1 OAA D . -1.14 -5.62 -26.81
C2 OAA D . -2.25 -5.87 -25.81
C3 OAA D . -3.06 -4.64 -25.81
C4 OAA D . -3.85 -4.18 -24.57
C1 EDO E . 11.43 -10.82 -30.97
O1 EDO E . 12.54 -9.97 -31.29
C2 EDO E . 11.10 -10.68 -29.49
O2 EDO E . 12.09 -11.33 -28.68
C1 EDO F . 12.39 -10.71 -34.87
O1 EDO F . 12.66 -11.71 -33.88
C2 EDO F . 13.52 -9.68 -34.91
O2 EDO F . 13.36 -8.78 -33.81
C1 EDO G . 1.21 14.51 -27.85
O1 EDO G . 0.34 13.53 -28.41
C2 EDO G . 0.52 15.88 -27.91
O2 EDO G . 1.38 16.90 -27.37
C1 EDO H . -22.74 -26.10 -6.75
O1 EDO H . -22.68 -27.50 -6.51
C2 EDO H . -23.24 -25.90 -8.17
O2 EDO H . -22.45 -26.70 -9.05
C1 EDO I . 13.29 1.65 -20.51
O1 EDO I . 12.00 2.05 -20.99
C2 EDO I . 13.09 0.83 -19.23
O2 EDO I . 14.19 -0.06 -19.07
C1 EDO J . 15.03 -8.06 -25.23
O1 EDO J . 14.47 -9.22 -24.62
C2 EDO J . 14.22 -7.78 -26.49
O2 EDO J . 13.75 -9.02 -27.03
C1 EDO K . -5.31 -7.43 -19.79
O1 EDO K . -5.20 -8.78 -20.28
C2 EDO K . -5.13 -6.53 -21.00
O2 EDO K . -6.25 -6.70 -21.88
C1 EDO L . -11.28 6.58 -14.72
O1 EDO L . -10.27 6.85 -15.69
C2 EDO L . -12.60 7.15 -15.23
O2 EDO L . -12.34 8.42 -15.82
ZN ZN M . -30.40 -18.00 -17.26
MN MN N . 16.33 6.08 16.89
O1 OAA O . 22.38 5.47 21.13
O2 OAA O . 22.13 3.38 20.44
O4 OAA O . 18.80 7.14 18.94
O5 OAA O . 18.17 5.45 17.63
O3 OAA O . 20.78 4.52 18.26
C1 OAA O . 21.67 4.58 20.74
C2 OAA O . 20.19 4.77 20.54
C3 OAA O . 20.03 5.06 19.07
C4 OAA O . 18.92 5.98 18.53
C1 EDO P . 18.24 -11.52 5.13
O1 EDO P . 18.92 -12.02 6.29
C2 EDO P . 19.10 -11.72 3.90
O2 EDO P . 20.21 -10.78 3.91
C1 EDO Q . 16.62 -3.35 -2.88
O1 EDO Q . 17.32 -4.38 -3.60
C2 EDO Q . 15.25 -3.88 -2.47
O2 EDO Q . 14.48 -4.12 -3.65
C1 EDO R . 34.88 1.70 30.19
O1 EDO R . 34.14 2.17 31.32
C2 EDO R . 35.94 2.74 29.82
O2 EDO R . 35.30 4.01 29.66
C1 EDO S . 32.11 6.18 31.65
O1 EDO S . 30.74 6.51 31.91
C2 EDO S . 32.09 4.90 30.84
O2 EDO S . 30.79 4.85 30.26
C1 EDO T . 14.20 19.52 28.83
O1 EDO T . 14.92 18.47 28.16
C2 EDO T . 12.76 19.09 29.05
O2 EDO T . 11.94 20.26 29.27
C1 EDO U . 11.14 4.41 37.60
O1 EDO U . 11.04 3.62 36.40
C2 EDO U . 9.76 4.48 38.27
O2 EDO U . 9.91 4.46 39.70
C1 EDO V . -5.24 -2.91 13.19
O1 EDO V . -4.78 -4.27 13.39
C2 EDO V . -4.80 -1.98 14.34
O2 EDO V . -3.98 -2.66 15.30
C1 EDO W . 14.32 7.38 22.46
O1 EDO W . 13.48 6.24 22.60
C2 EDO W . 14.11 8.00 21.07
O2 EDO W . 14.54 7.05 20.09
C1 EDO X . -17.66 10.25 7.13
O1 EDO X . -16.39 10.79 7.51
C2 EDO X . -18.59 11.32 6.57
O2 EDO X . -19.92 10.76 6.50
ZN ZN Y . -10.35 -4.26 18.41
#